data_8XN6
#
_entry.id   8XN6
#
_cell.length_a   82.694
_cell.length_b   85.429
_cell.length_c   178.091
_cell.angle_alpha   90.000
_cell.angle_beta   90.000
_cell.angle_gamma   90.000
#
_symmetry.space_group_name_H-M   'P 21 21 21'
#
loop_
_entity.id
_entity.type
_entity.pdbx_description
1 polymer 'Glycogen synthase kinase-3 beta'
2 non-polymer 'PHOSPHOAMINOPHOSPHONIC ACID-ADENYLATE ESTER'
3 non-polymer 'MAGNESIUM ION'
4 non-polymer 1,2-ETHANEDIOL
5 non-polymer DI(HYDROXYETHYL)ETHER
6 water water
#
_entity_poly.entity_id   1
_entity_poly.type   'polypeptide(L)'
_entity_poly.pdbx_seq_one_letter_code
;GGSGRPRTTSFAESCKPVQQPSAFGSMKVSRDKDGSKVTTVVATPGQGPDRPQEVSYTDTKVIGNGSFGVVYQAKLCDSG
ELVAIKKVLQDKRFKNRELQIMRKLDHCNIVRLRYFFYSSGEKKDEVYLNLVLDYVPETVYRVARHYSRAKQTLPVIYVK
LYMYQLFRSLAYIHSFGICHRDIKPQNLLLDPDTAVLKLCDFGSAKQLVRGEPNVSYICSRYYRAPELIFGATDYTSSID
VWSAGCVLAELLLGQPIFPGDSGVDQLVEIIKVLGTPTREQIREMNPNYTEFKFPQIKAHPWTKVFRPRTPPEAIALCSR
LLEYTPTARLTPLEACAHSFFDELRDPNVKLPNGRDTPALFNFTTQELSSNPPLATILIPPHARIQAAASTPTNATAASD
ANTGDRGQTNNAASASASNST
;
_entity_poly.pdbx_strand_id   A,B
#
loop_
_chem_comp.id
_chem_comp.type
_chem_comp.name
_chem_comp.formula
ANP non-polymer 'PHOSPHOAMINOPHOSPHONIC ACID-ADENYLATE ESTER' 'C10 H17 N6 O12 P3'
EDO non-polymer 1,2-ETHANEDIOL 'C2 H6 O2'
MG non-polymer 'MAGNESIUM ION' 'Mg 2'
PEG non-polymer DI(HYDROXYETHYL)ETHER 'C4 H10 O3'
#
# COMPACT_ATOMS: atom_id res chain seq x y z
N SER A 36 -16.95 36.12 -14.19
CA SER A 36 -16.64 37.39 -13.46
C SER A 36 -17.33 37.39 -12.08
N LYS A 37 -17.42 36.22 -11.43
CA LYS A 37 -17.98 36.04 -10.07
C LYS A 37 -16.86 36.21 -9.04
N VAL A 38 -16.93 37.28 -8.23
CA VAL A 38 -15.90 37.66 -7.22
C VAL A 38 -16.34 37.14 -5.84
N THR A 39 -15.43 36.45 -5.15
CA THR A 39 -15.54 36.06 -3.71
C THR A 39 -14.63 36.99 -2.91
N THR A 40 -15.15 37.60 -1.84
CA THR A 40 -14.38 38.49 -0.93
C THR A 40 -14.45 37.93 0.49
N VAL A 41 -13.29 37.70 1.11
CA VAL A 41 -13.17 37.18 2.50
C VAL A 41 -12.28 38.16 3.27
N VAL A 42 -12.32 38.07 4.59
CA VAL A 42 -11.33 38.71 5.51
C VAL A 42 -10.38 37.60 5.94
N ALA A 43 -9.13 37.66 5.49
CA ALA A 43 -8.15 36.56 5.61
C ALA A 43 -6.91 37.06 6.36
N THR A 44 -6.37 36.20 7.22
CA THR A 44 -5.19 36.46 8.08
C THR A 44 -3.93 36.11 7.29
N PRO A 45 -2.99 37.06 7.09
CA PRO A 45 -1.67 36.73 6.54
C PRO A 45 -1.01 35.55 7.27
N GLY A 46 -0.38 34.64 6.51
CA GLY A 46 0.31 33.46 7.05
C GLY A 46 1.41 33.87 8.01
N GLN A 47 2.34 34.69 7.52
CA GLN A 47 3.47 35.26 8.30
C GLN A 47 3.03 36.59 8.93
N GLY A 48 3.88 37.15 9.80
CA GLY A 48 3.71 38.48 10.40
C GLY A 48 2.68 38.47 11.53
N PRO A 49 2.20 39.66 11.96
CA PRO A 49 1.22 39.75 13.05
C PRO A 49 -0.18 39.33 12.59
N ASP A 50 -1.01 38.89 13.54
CA ASP A 50 -2.38 38.37 13.27
C ASP A 50 -3.30 39.56 12.95
N ARG A 51 -3.18 40.13 11.75
CA ARG A 51 -3.88 41.36 11.28
C ARG A 51 -4.65 41.06 10.00
N PRO A 52 -5.89 40.54 10.07
CA PRO A 52 -6.67 40.21 8.87
C PRO A 52 -6.92 41.40 7.94
N GLN A 53 -7.05 41.11 6.65
CA GLN A 53 -7.36 42.11 5.59
C GLN A 53 -8.37 41.51 4.62
N GLU A 54 -9.11 42.37 3.91
CA GLU A 54 -10.09 41.97 2.86
C GLU A 54 -9.30 41.46 1.66
N VAL A 55 -9.61 40.24 1.19
CA VAL A 55 -8.98 39.61 0.01
C VAL A 55 -10.09 39.17 -0.95
N SER A 56 -10.03 39.63 -2.20
CA SER A 56 -10.99 39.28 -3.28
C SER A 56 -10.30 38.37 -4.30
N TYR A 57 -10.97 37.30 -4.71
CA TYR A 57 -10.47 36.32 -5.71
C TYR A 57 -11.60 35.85 -6.62
N THR A 58 -11.24 35.39 -7.81
CA THR A 58 -12.18 34.96 -8.89
C THR A 58 -11.56 33.78 -9.64
N ASP A 59 -12.30 33.22 -10.61
CA ASP A 59 -11.86 32.12 -11.51
C ASP A 59 -11.54 30.87 -10.67
N THR A 60 -12.48 30.46 -9.83
CA THR A 60 -12.37 29.29 -8.91
C THR A 60 -12.65 28.00 -9.70
N LYS A 61 -11.65 27.13 -9.84
CA LYS A 61 -11.79 25.76 -10.41
C LYS A 61 -10.97 24.77 -9.58
N VAL A 62 -11.47 23.54 -9.45
CA VAL A 62 -10.89 22.46 -8.59
C VAL A 62 -9.63 21.90 -9.24
N ILE A 63 -8.45 22.21 -8.70
CA ILE A 63 -7.16 21.64 -9.21
C ILE A 63 -6.95 20.24 -8.63
N GLY A 64 -7.55 19.90 -7.48
CA GLY A 64 -7.33 18.58 -6.85
C GLY A 64 -8.32 18.25 -5.74
N ASN A 65 -8.46 16.95 -5.43
CA ASN A 65 -9.18 16.39 -4.25
C ASN A 65 -8.26 15.43 -3.50
N GLY A 66 -8.02 15.69 -2.21
CA GLY A 66 -7.39 14.75 -1.26
C GLY A 66 -8.41 14.21 -0.28
N SER A 67 -8.08 13.13 0.43
CA SER A 67 -8.92 12.48 1.48
C SER A 67 -9.45 13.55 2.44
N PHE A 68 -8.60 14.48 2.87
CA PHE A 68 -8.89 15.53 3.89
C PHE A 68 -9.83 16.58 3.31
N GLY A 69 -9.62 17.01 2.06
CA GLY A 69 -10.50 17.98 1.40
C GLY A 69 -10.05 18.39 0.00
N VAL A 70 -10.74 19.39 -0.57
CA VAL A 70 -10.61 19.87 -1.97
C VAL A 70 -9.54 20.96 -2.05
N VAL A 71 -8.83 21.05 -3.18
CA VAL A 71 -7.88 22.16 -3.51
C VAL A 71 -8.40 22.87 -4.77
N TYR A 72 -8.56 24.20 -4.69
CA TYR A 72 -9.03 25.07 -5.80
C TYR A 72 -7.86 25.91 -6.30
N GLN A 73 -7.91 26.29 -7.58
CA GLN A 73 -7.12 27.43 -8.12
C GLN A 73 -8.02 28.66 -8.12
N ALA A 74 -7.43 29.85 -7.97
CA ALA A 74 -8.13 31.15 -8.00
C ALA A 74 -7.14 32.25 -8.36
N LYS A 75 -7.66 33.38 -8.84
CA LYS A 75 -6.85 34.57 -9.20
C LYS A 75 -7.22 35.71 -8.24
N LEU A 76 -6.22 36.23 -7.50
CA LEU A 76 -6.38 37.43 -6.64
C LEU A 76 -6.75 38.61 -7.55
N CYS A 77 -7.85 39.29 -7.25
CA CYS A 77 -8.40 40.41 -8.07
C CYS A 77 -7.41 41.56 -8.16
N ASP A 78 -6.70 41.88 -7.07
CA ASP A 78 -5.78 43.04 -6.97
C ASP A 78 -4.55 42.83 -7.87
N SER A 79 -3.84 41.72 -7.70
CA SER A 79 -2.51 41.44 -8.32
C SER A 79 -2.65 40.64 -9.62
N GLY A 80 -3.71 39.84 -9.77
CA GLY A 80 -3.88 38.90 -10.88
C GLY A 80 -3.02 37.66 -10.69
N GLU A 81 -2.33 37.56 -9.54
CA GLU A 81 -1.48 36.39 -9.18
C GLU A 81 -2.40 35.20 -8.89
N LEU A 82 -2.02 34.02 -9.37
CA LEU A 82 -2.78 32.75 -9.17
C LEU A 82 -2.42 32.17 -7.80
N VAL A 83 -3.42 31.63 -7.11
CA VAL A 83 -3.29 31.03 -5.75
C VAL A 83 -3.96 29.66 -5.76
N ALA A 84 -3.46 28.74 -4.93
CA ALA A 84 -4.17 27.50 -4.54
C ALA A 84 -4.86 27.76 -3.20
N ILE A 85 -6.13 27.39 -3.09
CA ILE A 85 -6.90 27.42 -1.81
C ILE A 85 -7.16 25.97 -1.41
N LYS A 86 -6.50 25.50 -0.34
CA LYS A 86 -6.70 24.16 0.25
C LYS A 86 -7.78 24.27 1.36
N LYS A 87 -8.93 23.65 1.15
CA LYS A 87 -10.11 23.70 2.06
C LYS A 87 -10.21 22.37 2.82
N VAL A 88 -10.08 22.39 4.14
CA VAL A 88 -10.24 21.18 5.01
C VAL A 88 -11.27 21.48 6.10
N LEU A 89 -12.13 20.51 6.41
CA LEU A 89 -13.06 20.53 7.56
C LEU A 89 -12.25 20.79 8.83
N GLN A 90 -12.71 21.67 9.71
CA GLN A 90 -11.98 22.05 10.95
C GLN A 90 -12.89 21.81 12.17
N ASP A 91 -12.37 21.06 13.15
CA ASP A 91 -12.99 20.86 14.48
C ASP A 91 -12.78 22.16 15.29
N LYS A 92 -13.73 23.08 15.23
CA LYS A 92 -13.61 24.48 15.71
C LYS A 92 -12.89 24.53 17.07
N ARG A 93 -13.10 23.53 17.92
CA ARG A 93 -12.52 23.41 19.28
C ARG A 93 -10.98 23.39 19.21
N PHE A 94 -10.39 22.41 18.52
CA PHE A 94 -8.93 22.14 18.49
C PHE A 94 -8.26 22.95 17.37
N LYS A 95 -6.95 23.19 17.50
CA LYS A 95 -6.13 24.00 16.54
C LYS A 95 -5.60 23.08 15.43
N ASN A 96 -5.55 23.59 14.19
CA ASN A 96 -5.16 22.81 12.99
C ASN A 96 -3.62 22.74 12.91
N ARG A 97 -3.05 21.54 13.05
CA ARG A 97 -1.58 21.31 13.10
C ARG A 97 -0.94 21.82 11.81
N GLU A 98 -1.53 21.51 10.65
CA GLU A 98 -1.03 21.91 9.32
C GLU A 98 -0.87 23.44 9.28
N LEU A 99 -1.86 24.18 9.77
CA LEU A 99 -1.84 25.68 9.80
C LEU A 99 -0.72 26.14 10.72
N GLN A 100 -0.66 25.61 11.95
CA GLN A 100 0.36 25.99 12.98
C GLN A 100 1.76 25.85 12.39
N ILE A 101 2.02 24.77 11.64
CA ILE A 101 3.37 24.46 11.08
C ILE A 101 3.67 25.43 9.93
N MET A 102 2.74 25.66 9.01
CA MET A 102 2.99 26.49 7.80
C MET A 102 3.17 27.97 8.16
N ARG A 103 2.60 28.42 9.27
CA ARG A 103 2.69 29.83 9.76
C ARG A 103 4.14 30.12 10.21
N LYS A 104 4.88 29.09 10.61
CA LYS A 104 6.29 29.17 11.07
C LYS A 104 7.28 29.05 9.91
N LEU A 105 6.84 28.60 8.72
CA LEU A 105 7.76 28.20 7.63
C LEU A 105 7.93 29.35 6.64
N ASP A 106 9.19 29.72 6.39
CA ASP A 106 9.59 30.75 5.40
C ASP A 106 10.86 30.27 4.72
N HIS A 107 10.72 29.65 3.53
CA HIS A 107 11.83 29.05 2.75
C HIS A 107 11.43 29.01 1.27
N CYS A 108 12.38 29.26 0.37
CA CYS A 108 12.18 29.40 -1.10
C CYS A 108 11.77 28.06 -1.71
N ASN A 109 12.02 26.94 -1.03
CA ASN A 109 11.70 25.55 -1.50
C ASN A 109 10.54 24.96 -0.69
N ILE A 110 9.71 25.81 -0.08
CA ILE A 110 8.45 25.39 0.62
C ILE A 110 7.34 26.33 0.15
N VAL A 111 6.19 25.76 -0.23
CA VAL A 111 5.06 26.57 -0.78
C VAL A 111 4.61 27.55 0.31
N ARG A 112 4.48 28.83 -0.05
CA ARG A 112 4.18 29.94 0.89
C ARG A 112 2.69 29.91 1.25
N LEU A 113 2.37 29.97 2.55
CA LEU A 113 1.02 30.31 3.05
C LEU A 113 0.84 31.82 2.97
N ARG A 114 0.02 32.29 2.02
CA ARG A 114 -0.22 33.74 1.80
C ARG A 114 -1.26 34.24 2.81
N TYR A 115 -2.40 33.56 2.89
CA TYR A 115 -3.49 33.84 3.85
C TYR A 115 -4.10 32.52 4.36
N PHE A 116 -4.91 32.63 5.39
CA PHE A 116 -5.92 31.60 5.78
C PHE A 116 -7.20 32.33 6.21
N PHE A 117 -8.32 31.63 6.12
CA PHE A 117 -9.66 32.14 6.48
C PHE A 117 -10.62 30.96 6.71
N TYR A 118 -11.67 31.21 7.48
CA TYR A 118 -12.72 30.21 7.81
C TYR A 118 -13.96 30.54 6.96
N SER A 119 -14.65 29.50 6.50
CA SER A 119 -15.92 29.55 5.74
C SER A 119 -16.82 28.40 6.19
N SER A 120 -18.12 28.53 5.97
CA SER A 120 -19.13 27.51 6.36
C SER A 120 -20.05 27.25 5.16
N GLY A 121 -20.37 25.96 4.94
CA GLY A 121 -21.28 25.52 3.87
C GLY A 121 -21.64 24.06 4.04
N GLU A 122 -22.33 23.49 3.05
CA GLU A 122 -22.81 22.08 3.07
C GLU A 122 -23.61 21.92 4.38
N LYS A 123 -23.24 20.97 5.24
CA LYS A 123 -23.87 20.79 6.57
C LYS A 123 -23.70 22.08 7.38
N LYS A 124 -24.81 22.63 7.90
CA LYS A 124 -24.83 23.77 8.85
C LYS A 124 -23.99 23.38 10.06
N ASP A 125 -23.27 24.33 10.66
CA ASP A 125 -22.42 24.14 11.86
C ASP A 125 -21.09 23.47 11.48
N GLU A 126 -20.82 23.25 10.19
CA GLU A 126 -19.52 22.70 9.71
C GLU A 126 -18.64 23.86 9.23
N VAL A 127 -17.52 24.07 9.92
CA VAL A 127 -16.51 25.14 9.64
C VAL A 127 -15.36 24.52 8.83
N TYR A 128 -14.93 25.21 7.77
CA TYR A 128 -13.77 24.82 6.92
C TYR A 128 -12.65 25.86 7.07
N LEU A 129 -11.46 25.40 7.42
CA LEU A 129 -10.20 26.17 7.30
C LEU A 129 -9.80 26.21 5.82
N ASN A 130 -9.43 27.38 5.30
CA ASN A 130 -8.97 27.59 3.90
C ASN A 130 -7.54 28.12 3.92
N LEU A 131 -6.58 27.33 3.42
CA LEU A 131 -5.16 27.74 3.27
C LEU A 131 -4.96 28.31 1.86
N VAL A 132 -4.69 29.61 1.77
CA VAL A 132 -4.39 30.30 0.49
C VAL A 132 -2.88 30.21 0.27
N LEU A 133 -2.48 29.41 -0.72
CA LEU A 133 -1.06 29.10 -1.03
C LEU A 133 -0.70 29.72 -2.37
N ASP A 134 0.58 29.99 -2.58
CA ASP A 134 1.17 30.25 -3.93
C ASP A 134 0.74 29.10 -4.85
N TYR A 135 0.18 29.40 -6.02
CA TYR A 135 -0.10 28.40 -7.07
C TYR A 135 1.23 27.97 -7.70
N VAL A 136 1.41 26.67 -7.89
CA VAL A 136 2.60 26.09 -8.55
C VAL A 136 2.09 25.07 -9.58
N PRO A 137 2.39 25.27 -10.88
CA PRO A 137 1.66 24.58 -11.95
C PRO A 137 1.92 23.07 -12.13
N GLU A 138 3.07 22.54 -11.73
CA GLU A 138 3.44 21.12 -12.00
C GLU A 138 3.84 20.40 -10.71
N THR A 139 4.05 19.09 -10.80
CA THR A 139 4.60 18.24 -9.72
C THR A 139 5.71 17.37 -10.30
N VAL A 140 6.60 16.88 -9.45
CA VAL A 140 7.68 15.92 -9.85
C VAL A 140 6.99 14.65 -10.38
N TYR A 141 5.88 14.25 -9.77
CA TYR A 141 5.05 13.09 -10.20
C TYR A 141 4.70 13.21 -11.69
N ARG A 142 4.01 14.29 -12.07
CA ARG A 142 3.53 14.57 -13.45
C ARG A 142 4.72 14.62 -14.41
N VAL A 143 5.80 15.33 -14.05
CA VAL A 143 6.99 15.52 -14.94
C VAL A 143 7.68 14.18 -15.14
N ALA A 144 7.90 13.41 -14.06
CA ALA A 144 8.49 12.06 -14.12
C ALA A 144 7.61 11.13 -14.96
N ARG A 145 6.28 11.27 -14.86
CA ARG A 145 5.30 10.40 -15.57
C ARG A 145 5.40 10.67 -17.08
N HIS A 146 5.56 11.93 -17.48
CA HIS A 146 5.78 12.31 -18.91
C HIS A 146 6.99 11.55 -19.46
N TYR A 147 8.13 11.56 -18.77
CA TYR A 147 9.41 11.00 -19.28
C TYR A 147 9.30 9.47 -19.37
N SER A 148 8.66 8.81 -18.39
CA SER A 148 8.49 7.33 -18.36
C SER A 148 7.54 6.88 -19.48
N ARG A 149 6.43 7.59 -19.67
CA ARG A 149 5.44 7.33 -20.76
C ARG A 149 6.12 7.38 -22.13
N ALA A 150 7.06 8.32 -22.33
CA ALA A 150 7.81 8.52 -23.60
C ALA A 150 9.11 7.71 -23.61
N LYS A 151 9.28 6.78 -22.67
CA LYS A 151 10.40 5.80 -22.62
C LYS A 151 11.75 6.48 -22.35
N GLN A 152 11.76 7.78 -22.03
CA GLN A 152 12.98 8.57 -21.70
C GLN A 152 13.11 8.72 -20.17
N THR A 153 14.31 9.09 -19.72
CA THR A 153 14.57 9.48 -18.31
C THR A 153 14.71 11.00 -18.23
N LEU A 154 14.34 11.57 -17.08
CA LEU A 154 14.56 13.00 -16.75
C LEU A 154 16.06 13.26 -16.86
N PRO A 155 16.49 14.26 -17.66
CA PRO A 155 17.90 14.68 -17.69
C PRO A 155 18.42 14.95 -16.28
N VAL A 156 19.62 14.47 -15.98
CA VAL A 156 20.28 14.46 -14.64
C VAL A 156 20.29 15.88 -14.06
N ILE A 157 20.40 16.90 -14.90
CA ILE A 157 20.51 18.31 -14.43
C ILE A 157 19.26 18.62 -13.60
N TYR A 158 18.08 18.13 -14.02
CA TYR A 158 16.80 18.32 -13.31
C TYR A 158 16.75 17.44 -12.06
N VAL A 159 17.29 16.23 -12.11
CA VAL A 159 17.39 15.33 -10.92
C VAL A 159 18.20 16.06 -9.84
N LYS A 160 19.30 16.70 -10.23
CA LYS A 160 20.18 17.51 -9.34
C LYS A 160 19.39 18.70 -8.79
N LEU A 161 18.79 19.50 -9.67
CA LEU A 161 18.04 20.72 -9.25
C LEU A 161 16.94 20.33 -8.25
N TYR A 162 16.11 19.34 -8.62
CA TYR A 162 14.90 18.94 -7.86
C TYR A 162 15.30 18.34 -6.52
N MET A 163 16.24 17.39 -6.50
CA MET A 163 16.64 16.70 -5.25
C MET A 163 17.31 17.69 -4.30
N TYR A 164 18.20 18.54 -4.82
CA TYR A 164 18.93 19.57 -4.03
C TYR A 164 17.93 20.47 -3.30
N GLN A 165 16.92 20.96 -4.03
CA GLN A 165 15.89 21.88 -3.48
C GLN A 165 15.05 21.13 -2.44
N LEU A 166 14.74 19.85 -2.68
CA LEU A 166 14.03 18.99 -1.69
C LEU A 166 14.86 18.90 -0.41
N PHE A 167 16.16 18.65 -0.52
CA PHE A 167 17.08 18.44 0.64
C PHE A 167 17.23 19.75 1.42
N ARG A 168 17.24 20.90 0.74
CA ARG A 168 17.23 22.21 1.43
C ARG A 168 15.94 22.34 2.24
N SER A 169 14.78 22.05 1.64
CA SER A 169 13.46 22.17 2.30
C SER A 169 13.41 21.27 3.54
N LEU A 170 14.00 20.07 3.45
CA LEU A 170 14.08 19.11 4.58
C LEU A 170 15.06 19.62 5.65
N ALA A 171 16.24 20.10 5.23
CA ALA A 171 17.24 20.71 6.15
C ALA A 171 16.54 21.78 6.99
N TYR A 172 15.71 22.61 6.36
CA TYR A 172 15.01 23.75 7.00
C TYR A 172 14.00 23.23 8.05
N ILE A 173 13.03 22.40 7.65
CA ILE A 173 11.95 21.93 8.57
C ILE A 173 12.57 21.05 9.68
N HIS A 174 13.55 20.20 9.38
CA HIS A 174 14.23 19.31 10.36
C HIS A 174 14.96 20.16 11.42
N SER A 175 15.40 21.37 11.07
CA SER A 175 16.09 22.30 12.02
C SER A 175 15.10 22.80 13.08
N PHE A 176 13.80 22.76 12.81
CA PHE A 176 12.73 23.09 13.78
C PHE A 176 12.16 21.82 14.44
N GLY A 177 12.80 20.66 14.22
CA GLY A 177 12.33 19.34 14.69
C GLY A 177 11.10 18.85 13.94
N ILE A 178 10.71 19.51 12.84
CA ILE A 178 9.49 19.17 12.05
C ILE A 178 9.86 18.12 11.00
N CYS A 179 9.20 16.97 11.07
CA CYS A 179 9.26 15.87 10.07
C CYS A 179 8.03 15.97 9.17
N HIS A 180 8.23 15.90 7.85
CA HIS A 180 7.15 16.02 6.84
C HIS A 180 6.26 14.78 6.88
N ARG A 181 6.89 13.60 6.86
CA ARG A 181 6.25 12.26 7.03
C ARG A 181 5.34 11.90 5.84
N ASP A 182 5.47 12.60 4.70
CA ASP A 182 4.73 12.24 3.45
C ASP A 182 5.53 12.76 2.24
N ILE A 183 6.84 12.52 2.24
CA ILE A 183 7.72 12.88 1.10
C ILE A 183 7.46 11.89 -0.03
N LYS A 184 6.92 12.42 -1.15
CA LYS A 184 6.57 11.66 -2.37
C LYS A 184 6.44 12.63 -3.54
N PRO A 185 6.62 12.17 -4.80
CA PRO A 185 6.63 13.04 -5.97
C PRO A 185 5.40 13.98 -6.11
N GLN A 186 4.24 13.58 -5.62
CA GLN A 186 2.99 14.38 -5.72
C GLN A 186 3.07 15.60 -4.81
N ASN A 187 3.93 15.58 -3.80
CA ASN A 187 4.06 16.66 -2.79
C ASN A 187 5.30 17.51 -3.10
N LEU A 188 5.89 17.33 -4.27
CA LEU A 188 7.01 18.16 -4.80
C LEU A 188 6.51 18.98 -5.99
N LEU A 189 6.10 20.23 -5.72
CA LEU A 189 5.56 21.14 -6.77
C LEU A 189 6.72 21.71 -7.58
N LEU A 190 6.49 22.00 -8.86
CA LEU A 190 7.52 22.44 -9.83
C LEU A 190 6.99 23.63 -10.62
N ASP A 191 7.82 24.65 -10.78
CA ASP A 191 7.69 25.64 -11.89
C ASP A 191 8.66 25.19 -12.98
N PRO A 192 8.15 24.62 -14.10
CA PRO A 192 9.01 24.04 -15.12
C PRO A 192 9.95 25.05 -15.79
N ASP A 193 9.55 26.32 -15.86
CA ASP A 193 10.31 27.41 -16.54
C ASP A 193 11.50 27.83 -15.66
N THR A 194 11.31 27.95 -14.35
CA THR A 194 12.38 28.43 -13.42
C THR A 194 13.09 27.24 -12.75
N ALA A 195 12.56 26.03 -12.88
CA ALA A 195 13.12 24.79 -12.26
C ALA A 195 13.10 24.90 -10.73
N VAL A 196 12.21 25.74 -10.19
CA VAL A 196 12.02 25.91 -8.72
C VAL A 196 11.15 24.75 -8.22
N LEU A 197 11.58 24.08 -7.16
CA LEU A 197 10.79 23.04 -6.45
C LEU A 197 10.28 23.63 -5.14
N LYS A 198 9.02 23.36 -4.80
CA LYS A 198 8.37 23.77 -3.53
C LYS A 198 7.78 22.52 -2.87
N LEU A 199 8.26 22.15 -1.69
CA LEU A 199 7.64 21.11 -0.83
C LEU A 199 6.25 21.62 -0.40
N CYS A 200 5.24 20.75 -0.46
CA CYS A 200 3.84 21.11 -0.10
C CYS A 200 3.22 19.96 0.71
N ASP A 201 2.01 20.19 1.22
CA ASP A 201 1.18 19.20 1.94
C ASP A 201 1.84 18.85 3.28
N PHE A 202 1.57 19.68 4.31
CA PHE A 202 2.06 19.50 5.70
C PHE A 202 0.95 18.89 6.57
N GLY A 203 -0.02 18.21 5.95
CA GLY A 203 -1.14 17.52 6.64
C GLY A 203 -0.68 16.34 7.50
N SER A 204 0.47 15.72 7.21
CA SER A 204 1.03 14.59 7.99
C SER A 204 2.21 15.08 8.85
N ALA A 205 2.55 16.38 8.75
CA ALA A 205 3.76 16.98 9.36
C ALA A 205 3.58 17.07 10.87
N LYS A 206 4.66 16.87 11.62
CA LYS A 206 4.63 16.86 13.11
C LYS A 206 6.02 17.16 13.67
N GLN A 207 6.07 18.03 14.66
CA GLN A 207 7.28 18.20 15.51
C GLN A 207 7.52 16.90 16.26
N LEU A 208 8.61 16.18 15.91
CA LEU A 208 9.02 14.93 16.60
C LEU A 208 9.88 15.30 17.82
N VAL A 209 9.44 14.90 19.01
CA VAL A 209 10.16 15.12 20.30
C VAL A 209 10.68 13.77 20.80
N ARG A 210 11.98 13.68 21.10
CA ARG A 210 12.64 12.45 21.62
C ARG A 210 11.80 11.90 22.78
N GLY A 211 11.50 10.59 22.76
CA GLY A 211 10.78 9.90 23.84
C GLY A 211 9.26 9.94 23.70
N GLU A 212 8.72 10.77 22.80
CA GLU A 212 7.27 10.80 22.47
C GLU A 212 6.99 9.82 21.33
N PRO A 213 6.05 8.86 21.48
CA PRO A 213 5.74 7.93 20.39
C PRO A 213 4.93 8.61 19.29
N ASN A 214 5.10 8.18 18.03
CA ASN A 214 4.38 8.72 16.86
C ASN A 214 3.83 7.56 16.02
N VAL A 215 2.73 7.80 15.31
CA VAL A 215 2.01 6.76 14.53
C VAL A 215 2.91 6.28 13.39
N SER A 216 2.88 4.98 13.12
CA SER A 216 3.68 4.28 12.08
C SER A 216 2.94 4.27 10.74
N TYR A 217 1.67 4.70 10.70
CA TYR A 217 0.78 4.54 9.51
C TYR A 217 0.78 5.81 8.64
N ILE A 218 1.71 6.73 8.88
CA ILE A 218 1.92 7.91 7.99
C ILE A 218 2.82 7.47 6.83
N CYS A 219 2.86 8.28 5.77
CA CYS A 219 3.81 8.16 4.63
C CYS A 219 3.26 7.18 3.59
N SER A 220 3.35 7.56 2.32
CA SER A 220 2.76 6.79 1.19
CA SER A 220 2.78 6.82 1.15
C SER A 220 3.58 5.53 0.89
N ARG A 221 2.89 4.52 0.38
CA ARG A 221 3.33 3.11 0.18
C ARG A 221 4.81 3.00 -0.22
N TYR A 222 5.18 3.46 -1.42
CA TYR A 222 6.53 3.20 -2.00
C TYR A 222 7.64 3.95 -1.25
N TYR A 223 7.31 4.99 -0.46
CA TYR A 223 8.30 5.95 0.11
C TYR A 223 8.49 5.72 1.62
N ARG A 224 7.83 4.72 2.20
CA ARG A 224 7.87 4.43 3.65
C ARG A 224 9.24 3.82 4.01
N ALA A 225 9.90 4.37 5.03
CA ALA A 225 11.15 3.83 5.60
C ALA A 225 10.89 2.46 6.21
N PRO A 226 11.88 1.54 6.18
CA PRO A 226 11.68 0.19 6.71
C PRO A 226 11.21 0.19 8.17
N GLU A 227 11.75 1.08 9.01
CA GLU A 227 11.31 1.20 10.44
C GLU A 227 9.80 1.44 10.50
N LEU A 228 9.22 2.22 9.57
CA LEU A 228 7.75 2.45 9.48
C LEU A 228 7.06 1.12 9.16
N ILE A 229 7.57 0.38 8.18
CA ILE A 229 6.98 -0.91 7.75
C ILE A 229 6.99 -1.88 8.93
N PHE A 230 8.06 -1.87 9.75
CA PHE A 230 8.21 -2.71 10.97
C PHE A 230 7.39 -2.14 12.13
N GLY A 231 6.68 -1.03 11.95
CA GLY A 231 5.72 -0.49 12.94
C GLY A 231 6.38 0.23 14.10
N ALA A 232 7.62 0.71 13.92
CA ALA A 232 8.35 1.55 14.90
C ALA A 232 7.54 2.84 15.16
N THR A 233 7.51 3.29 16.42
CA THR A 233 6.82 4.52 16.85
C THR A 233 7.83 5.52 17.42
N ASP A 234 9.13 5.18 17.40
CA ASP A 234 10.24 5.96 18.00
C ASP A 234 11.15 6.51 16.87
N TYR A 235 10.59 6.63 15.67
CA TYR A 235 11.34 7.04 14.45
C TYR A 235 11.67 8.54 14.50
N THR A 236 12.69 8.93 13.72
CA THR A 236 13.22 10.31 13.65
C THR A 236 12.85 10.94 12.30
N SER A 237 13.35 12.15 12.06
CA SER A 237 13.17 12.91 10.79
C SER A 237 13.89 12.19 9.65
N SER A 238 14.72 11.18 9.95
CA SER A 238 15.47 10.39 8.94
C SER A 238 14.51 9.57 8.06
N ILE A 239 13.24 9.41 8.45
CA ILE A 239 12.21 8.78 7.58
C ILE A 239 12.06 9.61 6.30
N ASP A 240 12.17 10.94 6.39
CA ASP A 240 12.05 11.88 5.24
C ASP A 240 13.24 11.69 4.29
N VAL A 241 14.42 11.38 4.82
CA VAL A 241 15.67 11.18 4.03
C VAL A 241 15.50 9.88 3.22
N TRP A 242 15.01 8.80 3.85
CA TRP A 242 14.70 7.54 3.14
C TRP A 242 13.73 7.83 1.98
N SER A 243 12.64 8.54 2.28
CA SER A 243 11.62 8.95 1.29
C SER A 243 12.29 9.74 0.15
N ALA A 244 13.19 10.67 0.48
CA ALA A 244 13.94 11.46 -0.53
C ALA A 244 14.77 10.51 -1.41
N GLY A 245 15.47 9.56 -0.79
CA GLY A 245 16.27 8.52 -1.48
C GLY A 245 15.43 7.71 -2.44
N CYS A 246 14.20 7.37 -2.05
CA CYS A 246 13.22 6.65 -2.89
C CYS A 246 12.84 7.52 -4.10
N VAL A 247 12.75 8.84 -3.94
CA VAL A 247 12.40 9.78 -5.05
C VAL A 247 13.60 9.87 -6.00
N LEU A 248 14.82 10.03 -5.47
CA LEU A 248 16.07 10.08 -6.28
C LEU A 248 16.11 8.83 -7.16
N ALA A 249 16.19 7.65 -6.54
CA ALA A 249 16.20 6.33 -7.20
C ALA A 249 15.16 6.29 -8.32
N GLU A 250 13.94 6.75 -8.04
CA GLU A 250 12.77 6.70 -8.96
C GLU A 250 13.03 7.59 -10.19
N LEU A 251 13.61 8.76 -9.99
CA LEU A 251 13.91 9.72 -11.09
C LEU A 251 15.04 9.14 -11.98
N LEU A 252 15.97 8.39 -11.39
CA LEU A 252 17.05 7.69 -12.13
C LEU A 252 16.48 6.47 -12.89
N LEU A 253 15.70 5.61 -12.23
CA LEU A 253 15.17 4.34 -12.80
C LEU A 253 14.02 4.61 -13.79
N GLY A 254 13.21 5.65 -13.56
CA GLY A 254 11.98 5.92 -14.32
C GLY A 254 10.80 5.13 -13.80
N GLN A 255 10.92 4.54 -12.60
CA GLN A 255 9.82 3.82 -11.91
C GLN A 255 10.17 3.68 -10.43
N PRO A 256 9.19 3.39 -9.53
CA PRO A 256 9.50 3.21 -8.11
C PRO A 256 10.52 2.09 -7.87
N ILE A 257 11.45 2.29 -6.92
CA ILE A 257 12.55 1.31 -6.64
C ILE A 257 12.05 0.18 -5.72
N PHE A 258 11.10 0.48 -4.82
CA PHE A 258 10.59 -0.47 -3.78
C PHE A 258 9.07 -0.57 -3.85
N PRO A 259 8.51 -1.06 -4.98
CA PRO A 259 7.06 -1.22 -5.11
C PRO A 259 6.58 -2.41 -4.26
N GLY A 260 5.27 -2.51 -4.04
CA GLY A 260 4.66 -3.59 -3.24
C GLY A 260 3.27 -3.22 -2.76
N ASP A 261 2.34 -4.19 -2.83
CA ASP A 261 0.93 -4.03 -2.38
C ASP A 261 0.86 -4.23 -0.86
N SER A 262 1.75 -5.04 -0.31
CA SER A 262 1.89 -5.32 1.15
C SER A 262 3.24 -4.76 1.63
N GLY A 263 3.37 -4.56 2.94
CA GLY A 263 4.66 -4.29 3.61
C GLY A 263 5.67 -5.39 3.32
N VAL A 264 5.23 -6.64 3.43
CA VAL A 264 6.03 -7.85 3.10
C VAL A 264 6.66 -7.66 1.71
N ASP A 265 5.86 -7.34 0.70
CA ASP A 265 6.30 -7.18 -0.71
C ASP A 265 7.36 -6.08 -0.79
N GLN A 266 7.10 -4.93 -0.14
CA GLN A 266 8.02 -3.77 -0.08
C GLN A 266 9.35 -4.18 0.56
N LEU A 267 9.30 -4.86 1.72
CA LEU A 267 10.52 -5.28 2.47
C LEU A 267 11.35 -6.23 1.59
N VAL A 268 10.69 -7.13 0.85
CA VAL A 268 11.37 -8.09 -0.06
C VAL A 268 12.12 -7.28 -1.13
N GLU A 269 11.49 -6.24 -1.68
CA GLU A 269 12.08 -5.38 -2.74
C GLU A 269 13.25 -4.60 -2.15
N ILE A 270 13.15 -4.17 -0.88
CA ILE A 270 14.25 -3.44 -0.18
C ILE A 270 15.40 -4.43 0.05
N ILE A 271 15.11 -5.62 0.58
CA ILE A 271 16.09 -6.71 0.83
C ILE A 271 16.79 -7.11 -0.47
N LYS A 272 16.05 -7.21 -1.58
CA LYS A 272 16.61 -7.57 -2.90
C LYS A 272 17.76 -6.63 -3.27
N VAL A 273 17.75 -5.38 -2.78
CA VAL A 273 18.74 -4.32 -3.15
C VAL A 273 19.77 -4.16 -2.03
N LEU A 274 19.32 -3.95 -0.79
CA LEU A 274 20.21 -3.66 0.38
C LEU A 274 20.80 -4.96 0.92
N GLY A 275 20.22 -6.12 0.57
CA GLY A 275 20.52 -7.42 1.20
C GLY A 275 19.71 -7.58 2.47
N THR A 276 19.81 -8.76 3.10
CA THR A 276 19.09 -9.06 4.37
C THR A 276 19.70 -8.19 5.46
N PRO A 277 18.88 -7.45 6.25
CA PRO A 277 19.42 -6.64 7.34
C PRO A 277 19.99 -7.55 8.44
N THR A 278 21.10 -7.13 9.06
CA THR A 278 21.71 -7.80 10.24
C THR A 278 20.78 -7.61 11.44
N ARG A 279 20.91 -8.45 12.47
CA ARG A 279 20.07 -8.40 13.70
C ARG A 279 20.23 -7.02 14.34
N GLU A 280 21.45 -6.47 14.29
CA GLU A 280 21.78 -5.10 14.79
C GLU A 280 20.97 -4.06 14.01
N GLN A 281 21.06 -4.08 12.67
CA GLN A 281 20.31 -3.17 11.77
C GLN A 281 18.81 -3.23 12.11
N ILE A 282 18.27 -4.43 12.33
CA ILE A 282 16.85 -4.64 12.69
C ILE A 282 16.55 -3.93 14.01
N ARG A 283 17.42 -4.12 15.03
CA ARG A 283 17.32 -3.49 16.37
C ARG A 283 17.22 -1.97 16.22
N GLU A 284 17.94 -1.39 15.25
CA GLU A 284 18.00 0.08 15.00
C GLU A 284 16.64 0.56 14.47
N MET A 285 16.03 -0.20 13.56
CA MET A 285 14.72 0.11 12.92
C MET A 285 13.58 -0.09 13.95
N ASN A 286 13.21 -1.34 14.25
CA ASN A 286 12.27 -1.72 15.34
C ASN A 286 12.82 -2.93 16.07
N PRO A 287 13.22 -2.80 17.36
CA PRO A 287 13.83 -3.90 18.10
C PRO A 287 12.91 -5.12 18.34
N ASN A 288 11.60 -4.90 18.42
CA ASN A 288 10.57 -5.94 18.72
C ASN A 288 10.51 -6.99 17.60
N TYR A 289 11.08 -6.72 16.42
CA TYR A 289 10.87 -7.54 15.19
C TYR A 289 12.10 -8.41 14.87
N THR A 290 13.03 -8.59 15.83
CA THR A 290 14.31 -9.33 15.66
C THR A 290 14.03 -10.82 15.35
N GLU A 291 13.13 -11.45 16.11
CA GLU A 291 12.83 -12.90 16.06
C GLU A 291 12.11 -13.27 14.75
N PHE A 292 11.29 -12.36 14.22
CA PHE A 292 10.57 -12.52 12.92
C PHE A 292 11.62 -12.58 11.80
N LYS A 293 11.37 -13.42 10.78
CA LYS A 293 12.41 -13.84 9.80
C LYS A 293 11.91 -13.60 8.37
N PHE A 294 12.87 -13.34 7.47
CA PHE A 294 12.67 -13.04 6.03
C PHE A 294 13.78 -13.74 5.25
N PRO A 295 13.67 -13.85 3.91
CA PRO A 295 14.69 -14.54 3.11
C PRO A 295 16.12 -13.98 3.29
N GLN A 296 17.12 -14.87 3.32
CA GLN A 296 18.56 -14.52 3.40
C GLN A 296 19.06 -14.25 1.98
N ILE A 297 19.37 -12.99 1.66
CA ILE A 297 19.83 -12.51 0.32
C ILE A 297 21.02 -11.57 0.51
N LYS A 298 22.03 -11.70 -0.35
CA LYS A 298 23.22 -10.79 -0.37
C LYS A 298 22.82 -9.52 -1.14
N ALA A 299 23.38 -8.38 -0.71
CA ALA A 299 23.16 -7.05 -1.32
C ALA A 299 23.41 -7.12 -2.84
N HIS A 300 22.48 -6.60 -3.64
CA HIS A 300 22.66 -6.41 -5.11
C HIS A 300 23.52 -5.16 -5.34
N PRO A 301 24.66 -5.27 -6.06
CA PRO A 301 25.54 -4.11 -6.28
C PRO A 301 24.75 -2.91 -6.84
N TRP A 302 24.82 -1.77 -6.13
CA TRP A 302 24.08 -0.53 -6.43
C TRP A 302 24.27 -0.12 -7.90
N THR A 303 25.48 -0.28 -8.43
CA THR A 303 25.84 0.10 -9.82
C THR A 303 25.01 -0.70 -10.83
N LYS A 304 24.63 -1.93 -10.49
CA LYS A 304 23.85 -2.85 -11.37
C LYS A 304 22.34 -2.65 -11.14
N VAL A 305 21.93 -1.92 -10.10
CA VAL A 305 20.52 -1.54 -9.83
C VAL A 305 20.04 -0.57 -10.93
N PHE A 306 20.90 0.35 -11.37
CA PHE A 306 20.56 1.42 -12.35
C PHE A 306 21.14 1.06 -13.72
N ARG A 307 20.60 1.65 -14.78
CA ARG A 307 21.06 1.43 -16.18
C ARG A 307 22.51 1.90 -16.29
N PRO A 308 23.28 1.43 -17.30
CA PRO A 308 24.65 1.90 -17.52
C PRO A 308 24.68 3.38 -17.91
N ARG A 309 25.70 4.11 -17.45
CA ARG A 309 25.89 5.57 -17.68
C ARG A 309 24.91 6.37 -16.83
N THR A 310 24.42 5.78 -15.74
CA THR A 310 23.88 6.50 -14.55
C THR A 310 25.07 7.00 -13.76
N PRO A 311 25.21 8.33 -13.50
CA PRO A 311 26.42 8.88 -12.91
C PRO A 311 26.78 8.22 -11.57
N PRO A 312 28.05 7.80 -11.36
CA PRO A 312 28.46 7.15 -10.12
C PRO A 312 28.04 7.92 -8.86
N GLU A 313 28.03 9.25 -8.94
CA GLU A 313 27.79 10.17 -7.79
C GLU A 313 26.31 10.07 -7.38
N ALA A 314 25.40 10.01 -8.35
CA ALA A 314 23.97 9.74 -8.14
C ALA A 314 23.80 8.42 -7.37
N ILE A 315 24.52 7.37 -7.79
CA ILE A 315 24.44 6.01 -7.19
C ILE A 315 24.99 6.05 -5.76
N ALA A 316 26.16 6.68 -5.58
CA ALA A 316 26.80 6.87 -4.25
C ALA A 316 25.80 7.52 -3.28
N LEU A 317 25.19 8.65 -3.68
CA LEU A 317 24.20 9.39 -2.84
C LEU A 317 23.04 8.47 -2.44
N CYS A 318 22.46 7.73 -3.39
CA CYS A 318 21.36 6.76 -3.11
C CYS A 318 21.76 5.83 -1.97
N SER A 319 22.95 5.23 -2.06
CA SER A 319 23.47 4.21 -1.11
C SER A 319 23.59 4.82 0.30
N ARG A 320 23.78 6.14 0.40
CA ARG A 320 23.97 6.87 1.68
C ARG A 320 22.62 7.42 2.18
N LEU A 321 21.58 7.36 1.36
CA LEU A 321 20.20 7.76 1.74
C LEU A 321 19.40 6.51 2.13
N LEU A 322 19.41 5.49 1.27
CA LEU A 322 18.64 4.23 1.45
C LEU A 322 19.48 3.24 2.27
N GLU A 323 19.64 3.55 3.57
CA GLU A 323 20.36 2.75 4.59
C GLU A 323 19.35 2.21 5.60
N TYR A 324 19.49 0.94 6.00
CA TYR A 324 18.67 0.29 7.05
C TYR A 324 18.73 1.10 8.35
N THR A 325 19.94 1.31 8.90
CA THR A 325 20.14 2.02 10.19
C THR A 325 19.78 3.50 9.98
N PRO A 326 18.67 4.00 10.59
CA PRO A 326 18.26 5.39 10.40
C PRO A 326 19.36 6.43 10.62
N THR A 327 20.19 6.25 11.66
CA THR A 327 21.26 7.19 12.09
C THR A 327 22.43 7.17 11.10
N ALA A 328 22.54 6.15 10.24
CA ALA A 328 23.61 6.04 9.20
C ALA A 328 23.26 6.90 7.98
N ARG A 329 22.00 7.24 7.78
CA ARG A 329 21.54 8.01 6.59
C ARG A 329 22.12 9.41 6.66
N LEU A 330 22.53 9.97 5.52
CA LEU A 330 22.91 11.40 5.39
C LEU A 330 21.81 12.25 6.02
N THR A 331 22.18 13.39 6.59
CA THR A 331 21.23 14.48 6.92
C THR A 331 20.89 15.19 5.61
N PRO A 332 19.76 15.92 5.54
CA PRO A 332 19.45 16.74 4.37
C PRO A 332 20.61 17.68 3.99
N LEU A 333 21.22 18.33 4.97
CA LEU A 333 22.30 19.34 4.73
C LEU A 333 23.53 18.62 4.17
N GLU A 334 23.92 17.47 4.75
CA GLU A 334 25.01 16.61 4.22
C GLU A 334 24.70 16.24 2.77
N ALA A 335 23.44 15.93 2.47
CA ALA A 335 22.97 15.51 1.13
C ALA A 335 23.18 16.68 0.15
N CYS A 336 22.79 17.90 0.54
CA CYS A 336 22.99 19.14 -0.26
C CYS A 336 24.47 19.30 -0.65
N ALA A 337 25.40 18.88 0.21
CA ALA A 337 26.86 19.10 0.08
C ALA A 337 27.51 17.96 -0.73
N HIS A 338 26.75 16.90 -1.03
CA HIS A 338 27.23 15.71 -1.78
C HIS A 338 27.72 16.11 -3.17
N SER A 339 28.72 15.39 -3.70
CA SER A 339 29.42 15.66 -4.98
C SER A 339 28.44 15.57 -6.16
N PHE A 340 27.34 14.82 -6.01
CA PHE A 340 26.29 14.69 -7.06
C PHE A 340 25.75 16.08 -7.43
N PHE A 341 25.79 17.05 -6.51
CA PHE A 341 25.23 18.42 -6.70
C PHE A 341 26.32 19.42 -7.12
N ASP A 342 27.55 18.97 -7.38
CA ASP A 342 28.71 19.85 -7.72
C ASP A 342 28.38 20.66 -8.98
N GLU A 343 27.72 20.07 -9.97
CA GLU A 343 27.35 20.79 -11.21
C GLU A 343 26.54 22.04 -10.85
N LEU A 344 25.69 21.99 -9.82
CA LEU A 344 24.81 23.13 -9.44
C LEU A 344 25.67 24.29 -8.91
N ARG A 345 26.86 23.98 -8.37
CA ARG A 345 27.79 24.96 -7.74
C ARG A 345 28.78 25.51 -8.78
N ASP A 346 28.74 25.02 -10.01
CA ASP A 346 29.60 25.50 -11.14
C ASP A 346 29.09 26.87 -11.55
N PRO A 347 29.97 27.90 -11.63
CA PRO A 347 29.54 29.26 -12.00
C PRO A 347 28.97 29.43 -13.41
N ASN A 348 29.13 28.44 -14.30
CA ASN A 348 28.67 28.51 -15.72
C ASN A 348 27.42 27.65 -15.95
N VAL A 349 26.88 27.02 -14.91
CA VAL A 349 25.68 26.12 -15.03
C VAL A 349 24.47 26.97 -15.44
N LYS A 350 23.69 26.46 -16.39
CA LYS A 350 22.45 27.10 -16.89
C LYS A 350 21.36 26.04 -17.01
N LEU A 351 20.09 26.46 -17.01
CA LEU A 351 18.94 25.58 -17.35
C LEU A 351 19.01 25.28 -18.85
N PRO A 352 18.55 24.09 -19.31
CA PRO A 352 18.46 23.79 -20.74
C PRO A 352 17.65 24.83 -21.56
N ASN A 353 16.70 25.52 -20.95
CA ASN A 353 15.90 26.60 -21.59
C ASN A 353 16.67 27.92 -21.61
N GLY A 354 17.89 27.95 -21.08
CA GLY A 354 18.83 29.09 -21.22
C GLY A 354 18.84 29.99 -19.99
N ARG A 355 17.79 29.96 -19.16
CA ARG A 355 17.68 30.78 -17.93
C ARG A 355 18.79 30.39 -16.94
N ASP A 356 19.14 31.31 -16.04
CA ASP A 356 19.98 31.03 -14.84
C ASP A 356 19.25 30.01 -13.96
N THR A 357 20.01 29.24 -13.19
CA THR A 357 19.48 28.39 -12.10
C THR A 357 18.67 29.29 -11.18
N PRO A 358 17.68 28.75 -10.44
CA PRO A 358 17.01 29.50 -9.38
C PRO A 358 17.93 29.65 -8.16
N ALA A 359 17.45 30.31 -7.12
CA ALA A 359 18.14 30.48 -5.82
C ALA A 359 18.57 29.09 -5.31
N LEU A 360 19.87 28.89 -5.10
CA LEU A 360 20.42 27.60 -4.59
C LEU A 360 21.29 27.80 -3.35
N PHE A 361 21.64 29.06 -3.00
CA PHE A 361 22.76 29.38 -2.08
C PHE A 361 22.36 30.36 -0.97
N ASN A 362 21.10 30.80 -0.95
CA ASN A 362 20.61 31.80 0.04
C ASN A 362 20.36 31.12 1.38
N PHE A 363 21.33 30.40 1.92
CA PHE A 363 21.23 29.71 3.23
C PHE A 363 21.15 30.74 4.36
N THR A 364 20.32 30.45 5.37
CA THR A 364 20.28 31.16 6.67
C THR A 364 21.02 30.34 7.74
N THR A 365 21.30 30.94 8.88
CA THR A 365 21.92 30.29 10.07
C THR A 365 21.04 29.11 10.50
N GLN A 366 19.72 29.32 10.58
CA GLN A 366 18.71 28.28 10.94
C GLN A 366 18.94 27.05 10.07
N GLU A 367 19.03 27.25 8.75
CA GLU A 367 19.12 26.18 7.72
C GLU A 367 20.43 25.39 7.88
N LEU A 368 21.51 26.05 8.32
CA LEU A 368 22.87 25.44 8.40
C LEU A 368 23.14 24.92 9.82
N SER A 369 22.21 25.09 10.76
CA SER A 369 22.41 24.86 12.21
C SER A 369 22.90 23.43 12.47
N SER A 370 22.39 22.43 11.74
CA SER A 370 22.74 21.00 11.94
C SER A 370 24.26 20.79 11.78
N ASN A 371 24.92 21.58 10.92
CA ASN A 371 26.38 21.48 10.61
C ASN A 371 26.85 22.76 9.90
N PRO A 372 27.09 23.88 10.62
CA PRO A 372 27.51 25.14 10.00
C PRO A 372 28.76 25.11 9.12
N PRO A 373 29.83 24.36 9.47
CA PRO A 373 30.99 24.22 8.60
C PRO A 373 30.74 23.85 7.13
N LEU A 374 29.62 23.18 6.81
CA LEU A 374 29.24 22.78 5.42
C LEU A 374 29.04 24.03 4.54
N ALA A 375 28.84 25.20 5.15
CA ALA A 375 28.65 26.51 4.47
C ALA A 375 29.75 26.75 3.43
N THR A 376 30.98 26.27 3.66
CA THR A 376 32.14 26.52 2.76
C THR A 376 31.99 25.65 1.50
N ILE A 377 31.23 24.56 1.55
CA ILE A 377 30.86 23.74 0.36
C ILE A 377 29.57 24.30 -0.27
N LEU A 378 28.55 24.51 0.55
CA LEU A 378 27.17 24.83 0.10
C LEU A 378 27.12 26.21 -0.59
N ILE A 379 27.90 27.18 -0.12
CA ILE A 379 27.97 28.56 -0.69
C ILE A 379 29.29 28.68 -1.45
N PRO A 380 29.28 28.50 -2.79
CA PRO A 380 30.52 28.48 -3.56
C PRO A 380 31.06 29.90 -3.78
N PRO A 381 32.36 30.03 -4.12
CA PRO A 381 33.02 31.34 -4.17
C PRO A 381 32.27 32.42 -4.97
N HIS A 382 31.59 32.06 -6.05
CA HIS A 382 30.91 33.01 -6.98
C HIS A 382 29.56 33.49 -6.42
N ALA A 383 28.98 32.83 -5.41
CA ALA A 383 27.58 33.04 -4.96
C ALA A 383 27.44 34.28 -4.08
N ARG A 384 26.48 35.16 -4.39
CA ARG A 384 25.95 36.25 -3.52
C ARG A 384 27.05 37.27 -3.16
N ILE A 385 27.62 37.96 -4.16
CA ILE A 385 28.62 39.05 -3.98
C ILE A 385 28.37 40.13 -5.04
N MET B 27 13.07 -28.99 -12.68
CA MET B 27 13.29 -29.51 -14.06
C MET B 27 14.44 -30.52 -14.03
N LYS B 28 14.26 -31.64 -13.31
CA LYS B 28 15.29 -32.68 -13.04
C LYS B 28 15.82 -33.27 -14.37
N VAL B 29 14.92 -33.66 -15.29
CA VAL B 29 15.26 -34.32 -16.59
C VAL B 29 14.40 -33.70 -17.70
N SER B 30 15.01 -33.33 -18.84
CA SER B 30 14.31 -32.72 -20.01
C SER B 30 14.57 -33.56 -21.27
N ARG B 31 13.51 -33.86 -22.02
CA ARG B 31 13.51 -34.71 -23.24
C ARG B 31 12.70 -34.00 -24.34
N ASP B 32 12.70 -34.50 -25.58
CA ASP B 32 11.87 -34.00 -26.69
C ASP B 32 10.89 -35.10 -27.12
N LYS B 33 9.66 -34.72 -27.49
CA LYS B 33 8.57 -35.64 -27.88
C LYS B 33 7.74 -35.02 -29.01
N ASP B 34 8.08 -35.34 -30.27
CA ASP B 34 7.38 -34.89 -31.50
C ASP B 34 7.52 -33.36 -31.64
N GLY B 35 8.70 -32.82 -31.34
CA GLY B 35 9.01 -31.38 -31.37
C GLY B 35 8.98 -30.76 -29.98
N SER B 36 7.92 -31.03 -29.21
CA SER B 36 7.64 -30.43 -27.87
C SER B 36 8.72 -30.82 -26.85
N LYS B 37 9.15 -29.85 -26.04
CA LYS B 37 10.05 -30.05 -24.87
C LYS B 37 9.24 -30.67 -23.73
N VAL B 38 9.69 -31.81 -23.19
CA VAL B 38 9.06 -32.53 -22.05
C VAL B 38 9.98 -32.41 -20.84
N THR B 39 9.45 -32.03 -19.68
CA THR B 39 10.18 -32.02 -18.38
C THR B 39 9.63 -33.15 -17.52
N THR B 40 10.52 -34.02 -17.02
CA THR B 40 10.18 -35.16 -16.15
C THR B 40 10.82 -34.92 -14.79
N VAL B 41 10.03 -35.00 -13.72
CA VAL B 41 10.46 -34.74 -12.32
C VAL B 41 9.93 -35.87 -11.44
N VAL B 42 10.58 -36.08 -10.30
CA VAL B 42 10.06 -36.98 -9.22
C VAL B 42 9.52 -36.10 -8.09
N ALA B 43 8.22 -36.24 -7.81
CA ALA B 43 7.44 -35.33 -6.94
C ALA B 43 6.90 -36.11 -5.75
N THR B 44 7.00 -35.53 -4.55
CA THR B 44 6.31 -36.00 -3.31
C THR B 44 4.84 -35.62 -3.42
N PRO B 45 3.90 -36.56 -3.19
CA PRO B 45 2.47 -36.22 -3.10
C PRO B 45 2.17 -35.20 -2.01
N GLY B 46 1.18 -34.32 -2.26
CA GLY B 46 0.67 -33.33 -1.29
C GLY B 46 0.23 -34.02 -0.01
N GLN B 47 -0.78 -34.90 -0.12
CA GLN B 47 -1.32 -35.71 1.00
C GLN B 47 -0.96 -37.18 0.78
N GLY B 48 -1.01 -37.99 1.86
CA GLY B 48 -0.68 -39.42 1.83
C GLY B 48 0.77 -39.66 2.25
N PRO B 49 1.23 -40.93 2.33
CA PRO B 49 2.63 -41.22 2.67
C PRO B 49 3.55 -40.84 1.50
N ASP B 50 4.84 -40.64 1.79
CA ASP B 50 5.87 -40.21 0.81
C ASP B 50 6.16 -41.37 -0.14
N ARG B 51 5.32 -41.55 -1.16
CA ARG B 51 5.57 -42.46 -2.30
C ARG B 51 5.80 -41.60 -3.53
N PRO B 52 7.09 -41.36 -3.91
CA PRO B 52 7.41 -40.44 -4.99
C PRO B 52 6.70 -40.81 -6.30
N GLN B 53 6.29 -39.81 -7.06
CA GLN B 53 5.53 -39.95 -8.33
C GLN B 53 6.35 -39.32 -9.46
N GLU B 54 6.45 -40.01 -10.59
CA GLU B 54 7.14 -39.50 -11.81
C GLU B 54 6.11 -38.66 -12.58
N VAL B 55 6.42 -37.39 -12.83
CA VAL B 55 5.51 -36.38 -13.43
C VAL B 55 6.21 -35.74 -14.62
N SER B 56 5.55 -35.76 -15.78
CA SER B 56 6.06 -35.22 -17.08
C SER B 56 5.09 -34.16 -17.59
N TYR B 57 5.61 -32.97 -17.93
CA TYR B 57 4.78 -31.83 -18.39
C TYR B 57 5.52 -31.06 -19.49
N THR B 58 4.75 -30.29 -20.25
CA THR B 58 5.20 -29.52 -21.44
C THR B 58 4.43 -28.18 -21.48
N ASP B 59 4.65 -27.38 -22.53
CA ASP B 59 3.93 -26.10 -22.80
C ASP B 59 3.99 -25.21 -21.56
N THR B 60 5.18 -25.07 -20.97
CA THR B 60 5.45 -24.20 -19.79
C THR B 60 5.38 -22.73 -20.24
N LYS B 61 4.57 -21.92 -19.54
CA LYS B 61 4.50 -20.44 -19.71
C LYS B 61 4.19 -19.79 -18.36
N VAL B 62 4.59 -18.53 -18.18
CA VAL B 62 4.38 -17.75 -16.92
C VAL B 62 2.93 -17.24 -16.90
N ILE B 63 2.24 -17.42 -15.76
CA ILE B 63 0.84 -16.94 -15.53
C ILE B 63 0.78 -16.05 -14.27
N GLY B 64 1.89 -15.87 -13.57
CA GLY B 64 1.92 -15.14 -12.29
C GLY B 64 3.33 -14.79 -11.83
N ASN B 65 3.49 -13.61 -11.23
CA ASN B 65 4.73 -13.16 -10.57
C ASN B 65 4.38 -12.70 -9.16
N GLY B 66 5.35 -12.78 -8.25
CA GLY B 66 5.28 -12.22 -6.89
C GLY B 66 6.63 -11.67 -6.49
N SER B 67 6.69 -10.93 -5.39
CA SER B 67 7.93 -10.42 -4.76
C SER B 67 8.99 -11.53 -4.76
N PHE B 68 8.65 -12.74 -4.34
CA PHE B 68 9.60 -13.86 -4.16
C PHE B 68 9.07 -15.16 -4.79
N GLY B 69 8.16 -15.05 -5.78
CA GLY B 69 7.51 -16.22 -6.41
C GLY B 69 7.30 -16.04 -7.90
N VAL B 70 7.33 -17.15 -8.65
CA VAL B 70 6.91 -17.27 -10.08
C VAL B 70 5.89 -18.41 -10.19
N VAL B 71 4.75 -18.18 -10.85
CA VAL B 71 3.73 -19.23 -11.10
C VAL B 71 3.69 -19.51 -12.61
N TYR B 72 3.95 -20.77 -12.99
CA TYR B 72 3.86 -21.27 -14.40
C TYR B 72 2.56 -22.03 -14.58
N GLN B 73 2.01 -21.98 -15.80
CA GLN B 73 1.07 -22.98 -16.33
C GLN B 73 1.91 -24.08 -17.00
N ALA B 74 1.48 -25.33 -16.88
CA ALA B 74 2.10 -26.49 -17.56
C ALA B 74 0.99 -27.48 -17.90
N LYS B 75 1.20 -28.27 -18.94
CA LYS B 75 0.27 -29.34 -19.42
C LYS B 75 0.91 -30.69 -19.08
N LEU B 76 0.23 -31.51 -18.27
CA LEU B 76 0.67 -32.89 -17.96
C LEU B 76 0.61 -33.69 -19.27
N CYS B 77 1.64 -34.51 -19.54
CA CYS B 77 1.87 -35.16 -20.85
C CYS B 77 0.80 -36.21 -21.15
N ASP B 78 0.42 -37.03 -20.17
CA ASP B 78 -0.52 -38.16 -20.36
C ASP B 78 -1.95 -37.62 -20.44
N SER B 79 -2.46 -37.08 -19.33
CA SER B 79 -3.89 -36.66 -19.17
C SER B 79 -4.17 -35.39 -19.99
N GLY B 80 -3.14 -34.63 -20.36
CA GLY B 80 -3.28 -33.36 -21.10
C GLY B 80 -3.84 -32.25 -20.22
N GLU B 81 -4.15 -32.53 -18.95
CA GLU B 81 -4.83 -31.56 -18.04
C GLU B 81 -3.79 -30.55 -17.54
N LEU B 82 -4.23 -29.31 -17.32
CA LEU B 82 -3.36 -28.16 -16.98
C LEU B 82 -3.11 -28.16 -15.47
N VAL B 83 -1.93 -27.70 -15.07
CA VAL B 83 -1.55 -27.51 -13.64
C VAL B 83 -0.85 -26.17 -13.54
N ALA B 84 -0.81 -25.61 -12.33
CA ALA B 84 0.00 -24.43 -11.99
C ALA B 84 1.20 -24.92 -11.17
N ILE B 85 2.40 -24.39 -11.45
CA ILE B 85 3.63 -24.69 -10.67
C ILE B 85 4.12 -23.37 -10.06
N LYS B 86 3.93 -23.19 -8.75
CA LYS B 86 4.46 -22.04 -7.97
C LYS B 86 5.90 -22.37 -7.57
N LYS B 87 6.87 -21.61 -8.09
CA LYS B 87 8.32 -21.80 -7.85
C LYS B 87 8.80 -20.66 -6.93
N VAL B 88 9.29 -21.01 -5.75
CA VAL B 88 9.77 -20.05 -4.71
C VAL B 88 11.14 -20.52 -4.20
N LEU B 89 12.03 -19.58 -3.86
CA LEU B 89 13.38 -19.90 -3.33
C LEU B 89 13.21 -20.57 -1.97
N GLN B 90 13.93 -21.67 -1.73
CA GLN B 90 13.84 -22.48 -0.50
C GLN B 90 15.07 -22.19 0.37
N ASP B 91 14.86 -21.58 1.53
CA ASP B 91 15.86 -21.44 2.62
C ASP B 91 16.23 -22.85 3.09
N LYS B 92 17.49 -23.24 2.96
CA LYS B 92 18.01 -24.57 3.39
C LYS B 92 17.86 -24.70 4.92
N ARG B 93 17.93 -23.58 5.65
CA ARG B 93 17.81 -23.50 7.13
C ARG B 93 16.48 -24.10 7.59
N PHE B 94 15.36 -23.46 7.25
CA PHE B 94 13.99 -23.75 7.79
C PHE B 94 13.17 -24.53 6.77
N LYS B 95 12.06 -25.11 7.24
CA LYS B 95 11.04 -25.79 6.40
C LYS B 95 10.08 -24.71 5.86
N ASN B 96 9.58 -24.88 4.63
CA ASN B 96 8.68 -23.91 3.95
C ASN B 96 7.29 -23.94 4.61
N ARG B 97 6.85 -22.82 5.19
CA ARG B 97 5.60 -22.69 5.97
C ARG B 97 4.38 -22.86 5.05
N GLU B 98 4.44 -22.30 3.84
CA GLU B 98 3.36 -22.39 2.81
C GLU B 98 3.11 -23.88 2.51
N LEU B 99 4.16 -24.63 2.22
CA LEU B 99 4.12 -26.09 1.99
C LEU B 99 3.49 -26.80 3.19
N GLN B 100 4.07 -26.63 4.39
CA GLN B 100 3.59 -27.27 5.65
C GLN B 100 2.07 -27.07 5.80
N ILE B 101 1.59 -25.86 5.53
CA ILE B 101 0.16 -25.46 5.67
C ILE B 101 -0.66 -26.13 4.56
N MET B 102 -0.26 -26.00 3.30
CA MET B 102 -1.04 -26.51 2.15
C MET B 102 -1.17 -28.05 2.21
N ARG B 103 -0.15 -28.73 2.73
CA ARG B 103 -0.12 -30.21 2.88
C ARG B 103 -1.25 -30.68 3.81
N LYS B 104 -1.64 -29.85 4.79
CA LYS B 104 -2.69 -30.17 5.80
C LYS B 104 -4.10 -29.94 5.25
N LEU B 105 -4.25 -29.15 4.17
CA LEU B 105 -5.56 -28.62 3.73
C LEU B 105 -6.16 -29.54 2.67
N ASP B 106 -7.44 -29.89 2.84
CA ASP B 106 -8.28 -30.61 1.85
C ASP B 106 -9.69 -30.03 1.94
N HIS B 107 -10.05 -29.15 1.00
CA HIS B 107 -11.36 -28.45 0.96
C HIS B 107 -11.65 -28.05 -0.49
N CYS B 108 -12.93 -28.15 -0.89
CA CYS B 108 -13.39 -27.94 -2.29
C CYS B 108 -13.20 -26.48 -2.71
N ASN B 109 -13.07 -25.55 -1.76
CA ASN B 109 -12.90 -24.09 -2.01
C ASN B 109 -11.46 -23.64 -1.68
N ILE B 110 -10.51 -24.58 -1.65
CA ILE B 110 -9.06 -24.27 -1.49
C ILE B 110 -8.30 -25.03 -2.58
N VAL B 111 -7.45 -24.32 -3.33
CA VAL B 111 -6.70 -24.89 -4.49
C VAL B 111 -5.83 -26.04 -3.97
N ARG B 112 -5.88 -27.18 -4.65
CA ARG B 112 -5.26 -28.46 -4.20
C ARG B 112 -3.77 -28.46 -4.56
N LEU B 113 -2.90 -28.73 -3.58
CA LEU B 113 -1.49 -29.14 -3.83
C LEU B 113 -1.50 -30.60 -4.28
N ARG B 114 -1.24 -30.85 -5.56
CA ARG B 114 -1.13 -32.22 -6.13
C ARG B 114 0.15 -32.87 -5.59
N TYR B 115 1.30 -32.29 -5.94
CA TYR B 115 2.63 -32.74 -5.48
C TYR B 115 3.60 -31.56 -5.48
N PHE B 116 4.70 -31.71 -4.75
CA PHE B 116 5.81 -30.74 -4.66
C PHE B 116 7.14 -31.44 -4.94
N PHE B 117 8.08 -30.72 -5.53
CA PHE B 117 9.46 -31.19 -5.85
C PHE B 117 10.43 -30.02 -5.74
N TYR B 118 11.69 -30.35 -5.46
CA TYR B 118 12.82 -29.39 -5.35
C TYR B 118 13.61 -29.40 -6.66
N SER B 119 14.23 -28.27 -7.01
CA SER B 119 15.03 -28.08 -8.25
C SER B 119 15.95 -26.87 -8.10
N SER B 120 16.86 -26.68 -9.07
CA SER B 120 17.61 -25.41 -9.28
C SER B 120 16.74 -24.46 -10.11
N GLY B 121 17.17 -23.19 -10.25
CA GLY B 121 16.41 -22.15 -10.99
C GLY B 121 17.27 -20.97 -11.38
N GLU B 122 16.64 -19.80 -11.52
CA GLU B 122 17.27 -18.52 -11.96
C GLU B 122 18.66 -18.35 -11.30
N LYS B 123 18.80 -18.80 -10.05
CA LYS B 123 20.07 -18.69 -9.26
C LYS B 123 20.72 -20.07 -9.13
N LYS B 124 21.94 -20.22 -9.66
CA LYS B 124 22.79 -21.44 -9.52
C LYS B 124 23.21 -21.58 -8.06
N ASP B 125 23.30 -22.81 -7.56
CA ASP B 125 23.69 -23.17 -6.17
C ASP B 125 22.56 -22.81 -5.19
N GLU B 126 21.36 -22.47 -5.69
CA GLU B 126 20.16 -22.13 -4.88
C GLU B 126 19.07 -23.17 -5.13
N VAL B 127 18.34 -23.57 -4.09
CA VAL B 127 17.25 -24.59 -4.16
C VAL B 127 15.91 -23.88 -4.33
N TYR B 128 15.06 -24.38 -5.22
CA TYR B 128 13.69 -23.87 -5.50
C TYR B 128 12.67 -24.96 -5.15
N LEU B 129 11.67 -24.60 -4.34
CA LEU B 129 10.48 -25.43 -4.05
C LEU B 129 9.44 -25.19 -5.15
N ASN B 130 8.94 -26.25 -5.78
CA ASN B 130 7.91 -26.18 -6.84
C ASN B 130 6.63 -26.83 -6.31
N LEU B 131 5.57 -26.03 -6.14
CA LEU B 131 4.22 -26.51 -5.73
C LEU B 131 3.37 -26.70 -6.98
N VAL B 132 3.04 -27.94 -7.34
CA VAL B 132 2.16 -28.28 -8.49
C VAL B 132 0.71 -28.24 -7.98
N LEU B 133 -0.08 -27.29 -8.49
CA LEU B 133 -1.45 -26.99 -8.02
C LEU B 133 -2.44 -27.31 -9.14
N ASP B 134 -3.70 -27.58 -8.80
CA ASP B 134 -4.81 -27.53 -9.78
C ASP B 134 -4.73 -26.17 -10.48
N TYR B 135 -4.78 -26.16 -11.82
CA TYR B 135 -4.89 -24.91 -12.61
C TYR B 135 -6.34 -24.42 -12.53
N VAL B 136 -6.54 -23.14 -12.19
CA VAL B 136 -7.86 -22.47 -12.26
C VAL B 136 -7.71 -21.25 -13.16
N PRO B 137 -8.55 -21.11 -14.21
CA PRO B 137 -8.29 -20.16 -15.29
C PRO B 137 -8.46 -18.68 -14.95
N GLU B 138 -9.29 -18.34 -13.96
CA GLU B 138 -9.67 -16.92 -13.67
C GLU B 138 -9.42 -16.58 -12.20
N THR B 139 -9.50 -15.29 -11.88
CA THR B 139 -9.47 -14.73 -10.51
C THR B 139 -10.64 -13.76 -10.34
N VAL B 140 -11.07 -13.53 -9.10
CA VAL B 140 -12.12 -12.52 -8.79
C VAL B 140 -11.62 -11.16 -9.29
N TYR B 141 -10.31 -10.90 -9.15
CA TYR B 141 -9.67 -9.64 -9.61
C TYR B 141 -9.99 -9.40 -11.09
N ARG B 142 -9.66 -10.34 -11.96
CA ARG B 142 -9.80 -10.22 -13.44
C ARG B 142 -11.28 -10.05 -13.79
N VAL B 143 -12.17 -10.84 -13.19
CA VAL B 143 -13.64 -10.81 -13.44
C VAL B 143 -14.17 -9.43 -13.02
N ALA B 144 -13.92 -9.00 -11.78
CA ALA B 144 -14.39 -7.71 -11.24
C ALA B 144 -13.93 -6.57 -12.14
N ARG B 145 -12.69 -6.66 -12.66
CA ARG B 145 -12.03 -5.61 -13.49
C ARG B 145 -12.75 -5.53 -14.85
N HIS B 146 -13.08 -6.66 -15.46
CA HIS B 146 -13.83 -6.76 -16.73
C HIS B 146 -15.13 -5.96 -16.61
N TYR B 147 -15.89 -6.17 -15.53
CA TYR B 147 -17.21 -5.53 -15.27
C TYR B 147 -17.02 -4.04 -14.98
N SER B 148 -16.00 -3.65 -14.21
CA SER B 148 -15.68 -2.23 -13.89
C SER B 148 -15.36 -1.44 -15.17
N ARG B 149 -14.50 -2.00 -16.04
CA ARG B 149 -14.04 -1.34 -17.29
C ARG B 149 -15.25 -1.13 -18.21
N ALA B 150 -16.14 -2.12 -18.29
CA ALA B 150 -17.36 -2.11 -19.12
C ALA B 150 -18.51 -1.37 -18.39
N LYS B 151 -18.23 -0.74 -17.24
CA LYS B 151 -19.21 0.04 -16.44
C LYS B 151 -20.46 -0.81 -16.18
N GLN B 152 -20.25 -2.08 -15.81
CA GLN B 152 -21.30 -3.02 -15.36
C GLN B 152 -20.94 -3.45 -13.92
N THR B 153 -21.87 -4.11 -13.23
CA THR B 153 -21.57 -4.88 -11.99
C THR B 153 -21.95 -6.35 -12.24
N LEU B 154 -21.18 -7.24 -11.62
CA LEU B 154 -21.37 -8.71 -11.63
C LEU B 154 -22.79 -9.02 -11.15
N PRO B 155 -23.53 -9.93 -11.82
CA PRO B 155 -24.81 -10.40 -11.29
C PRO B 155 -24.64 -10.91 -9.85
N VAL B 156 -25.61 -10.58 -8.99
CA VAL B 156 -25.50 -10.73 -7.52
C VAL B 156 -25.41 -12.23 -7.17
N ILE B 157 -25.97 -13.10 -8.01
CA ILE B 157 -25.89 -14.58 -7.82
C ILE B 157 -24.41 -14.99 -7.78
N TYR B 158 -23.56 -14.36 -8.59
CA TYR B 158 -22.10 -14.63 -8.62
C TYR B 158 -21.47 -14.07 -7.34
N VAL B 159 -21.87 -12.87 -6.91
CA VAL B 159 -21.38 -12.25 -5.66
C VAL B 159 -21.67 -13.21 -4.50
N LYS B 160 -22.89 -13.76 -4.45
CA LYS B 160 -23.31 -14.72 -3.40
C LYS B 160 -22.43 -15.97 -3.44
N LEU B 161 -22.25 -16.56 -4.62
CA LEU B 161 -21.52 -17.83 -4.82
C LEU B 161 -20.04 -17.64 -4.44
N TYR B 162 -19.43 -16.55 -4.90
CA TYR B 162 -17.99 -16.29 -4.70
C TYR B 162 -17.74 -16.07 -3.20
N MET B 163 -18.53 -15.20 -2.59
CA MET B 163 -18.36 -14.81 -1.16
C MET B 163 -18.66 -16.01 -0.26
N TYR B 164 -19.72 -16.76 -0.53
CA TYR B 164 -20.14 -17.93 0.30
C TYR B 164 -19.00 -18.95 0.31
N GLN B 165 -18.46 -19.24 -0.88
CA GLN B 165 -17.33 -20.19 -1.07
C GLN B 165 -16.09 -19.66 -0.35
N LEU B 166 -15.83 -18.34 -0.40
CA LEU B 166 -14.70 -17.74 0.34
C LEU B 166 -14.89 -17.98 1.84
N PHE B 167 -16.08 -17.72 2.37
CA PHE B 167 -16.40 -17.88 3.82
C PHE B 167 -16.23 -19.34 4.24
N ARG B 168 -16.56 -20.29 3.37
CA ARG B 168 -16.34 -21.73 3.68
C ARG B 168 -14.84 -21.99 3.82
N SER B 169 -14.04 -21.51 2.87
CA SER B 169 -12.56 -21.69 2.85
C SER B 169 -11.97 -21.12 4.14
N LEU B 170 -12.50 -19.99 4.63
CA LEU B 170 -12.00 -19.31 5.85
C LEU B 170 -12.50 -20.05 7.10
N ALA B 171 -13.73 -20.55 7.11
CA ALA B 171 -14.26 -21.40 8.21
C ALA B 171 -13.31 -22.60 8.39
N TYR B 172 -12.86 -23.19 7.28
CA TYR B 172 -12.04 -24.41 7.29
C TYR B 172 -10.64 -24.10 7.85
N ILE B 173 -9.90 -23.16 7.26
CA ILE B 173 -8.51 -22.85 7.73
C ILE B 173 -8.57 -22.31 9.16
N HIS B 174 -9.50 -21.43 9.49
CA HIS B 174 -9.61 -20.84 10.85
C HIS B 174 -9.82 -21.95 11.87
N SER B 175 -10.45 -23.06 11.48
CA SER B 175 -10.79 -24.20 12.37
C SER B 175 -9.50 -24.93 12.79
N PHE B 176 -8.42 -24.77 12.02
CA PHE B 176 -7.04 -25.24 12.35
C PHE B 176 -6.22 -24.11 12.98
N GLY B 177 -6.81 -22.95 13.26
CA GLY B 177 -6.12 -21.77 13.83
C GLY B 177 -5.28 -21.03 12.79
N ILE B 178 -5.37 -21.42 11.51
CA ILE B 178 -4.58 -20.82 10.39
C ILE B 178 -5.32 -19.60 9.84
N CYS B 179 -4.66 -18.43 9.91
CA CYS B 179 -5.10 -17.15 9.33
C CYS B 179 -4.40 -16.97 7.99
N HIS B 180 -5.16 -16.65 6.91
CA HIS B 180 -4.61 -16.50 5.54
C HIS B 180 -3.69 -15.27 5.49
N ARG B 181 -4.20 -14.12 5.95
CA ARG B 181 -3.48 -12.84 6.17
C ARG B 181 -3.27 -12.09 4.84
N ASP B 182 -3.83 -12.56 3.73
CA ASP B 182 -3.69 -11.88 2.41
C ASP B 182 -4.92 -12.14 1.54
N ILE B 183 -6.11 -12.06 2.13
CA ILE B 183 -7.39 -12.21 1.38
C ILE B 183 -7.53 -10.98 0.49
N LYS B 184 -7.52 -11.20 -0.83
CA LYS B 184 -7.66 -10.15 -1.86
C LYS B 184 -8.15 -10.80 -3.14
N PRO B 185 -8.82 -10.04 -4.04
CA PRO B 185 -9.39 -10.63 -5.25
C PRO B 185 -8.42 -11.44 -6.11
N GLN B 186 -7.14 -11.07 -6.13
CA GLN B 186 -6.09 -11.75 -6.94
C GLN B 186 -5.80 -13.14 -6.36
N ASN B 187 -6.15 -13.38 -5.09
CA ASN B 187 -5.90 -14.68 -4.41
C ASN B 187 -7.18 -15.52 -4.37
N LEU B 188 -8.21 -15.12 -5.12
CA LEU B 188 -9.49 -15.86 -5.25
C LEU B 188 -9.62 -16.37 -6.70
N LEU B 189 -9.28 -17.65 -6.91
CA LEU B 189 -9.33 -18.32 -8.23
C LEU B 189 -10.78 -18.70 -8.54
N LEU B 190 -11.19 -18.54 -9.80
CA LEU B 190 -12.58 -18.79 -10.27
C LEU B 190 -12.53 -19.69 -11.49
N ASP B 191 -13.38 -20.71 -11.53
CA ASP B 191 -13.84 -21.33 -12.80
C ASP B 191 -15.11 -20.60 -13.22
N PRO B 192 -15.08 -19.83 -14.33
CA PRO B 192 -16.24 -19.02 -14.71
C PRO B 192 -17.48 -19.86 -15.08
N ASP B 193 -17.28 -21.05 -15.66
CA ASP B 193 -18.37 -21.95 -16.14
C ASP B 193 -19.03 -22.63 -14.94
N THR B 194 -18.27 -23.19 -14.00
CA THR B 194 -18.80 -23.95 -12.83
C THR B 194 -19.10 -23.02 -11.66
N ALA B 195 -18.59 -21.78 -11.69
CA ALA B 195 -18.71 -20.77 -10.60
C ALA B 195 -18.00 -21.25 -9.33
N VAL B 196 -17.08 -22.21 -9.44
CA VAL B 196 -16.26 -22.73 -8.28
C VAL B 196 -15.20 -21.68 -7.97
N LEU B 197 -15.06 -21.31 -6.69
CA LEU B 197 -13.99 -20.42 -6.18
C LEU B 197 -13.01 -21.25 -5.35
N LYS B 198 -11.70 -21.03 -5.54
CA LYS B 198 -10.63 -21.67 -4.75
C LYS B 198 -9.74 -20.58 -4.16
N LEU B 199 -9.62 -20.55 -2.84
CA LEU B 199 -8.61 -19.71 -2.13
C LEU B 199 -7.21 -20.23 -2.48
N CYS B 200 -6.30 -19.34 -2.88
CA CYS B 200 -4.88 -19.66 -3.16
C CYS B 200 -3.96 -18.69 -2.39
N ASP B 201 -2.66 -18.95 -2.45
CA ASP B 201 -1.56 -18.08 -1.93
C ASP B 201 -1.53 -18.14 -0.39
N PHE B 202 -0.95 -19.20 0.17
CA PHE B 202 -0.75 -19.38 1.62
C PHE B 202 0.67 -18.91 2.00
N GLY B 203 1.26 -18.05 1.17
CA GLY B 203 2.62 -17.51 1.36
C GLY B 203 2.70 -16.56 2.55
N SER B 204 1.58 -15.99 2.98
CA SER B 204 1.47 -15.11 4.17
C SER B 204 0.80 -15.86 5.33
N ALA B 205 0.29 -17.06 5.09
CA ALA B 205 -0.57 -17.81 6.04
C ALA B 205 0.27 -18.25 7.25
N LYS B 206 -0.31 -18.16 8.44
CA LYS B 206 0.34 -18.59 9.70
C LYS B 206 -0.72 -19.06 10.71
N GLN B 207 -0.35 -20.04 11.54
CA GLN B 207 -1.14 -20.44 12.72
C GLN B 207 -0.98 -19.39 13.82
N LEU B 208 -2.05 -18.67 14.12
CA LEU B 208 -2.11 -17.66 15.21
C LEU B 208 -2.33 -18.38 16.54
N VAL B 209 -1.44 -18.17 17.50
CA VAL B 209 -1.50 -18.76 18.87
C VAL B 209 -1.61 -17.62 19.88
N ARG B 210 -2.74 -17.53 20.60
CA ARG B 210 -3.02 -16.51 21.64
C ARG B 210 -1.75 -16.35 22.50
N GLY B 211 -1.24 -15.11 22.62
CA GLY B 211 -0.04 -14.80 23.40
C GLY B 211 1.17 -14.53 22.52
N GLU B 212 1.33 -15.26 21.41
CA GLU B 212 2.46 -15.07 20.45
C GLU B 212 2.20 -13.84 19.59
N PRO B 213 3.19 -12.93 19.44
CA PRO B 213 3.02 -11.74 18.62
C PRO B 213 3.15 -12.10 17.13
N ASN B 214 2.52 -11.31 16.25
CA ASN B 214 2.58 -11.50 14.78
C ASN B 214 2.81 -10.15 14.11
N VAL B 215 3.49 -10.16 12.96
CA VAL B 215 3.88 -8.94 12.19
C VAL B 215 2.61 -8.25 11.66
N SER B 216 2.62 -6.91 11.66
CA SER B 216 1.49 -6.04 11.27
C SER B 216 1.58 -5.65 9.78
N TYR B 217 2.69 -5.99 9.10
CA TYR B 217 2.99 -5.52 7.73
C TYR B 217 2.56 -6.56 6.68
N ILE B 218 1.71 -7.52 7.05
CA ILE B 218 1.09 -8.51 6.11
C ILE B 218 -0.20 -7.90 5.55
N CYS B 219 -0.72 -8.51 4.48
CA CYS B 219 -2.04 -8.20 3.86
C CYS B 219 -1.90 -7.02 2.90
N SER B 220 -2.45 -7.16 1.68
CA SER B 220 -2.49 -6.09 0.64
C SER B 220 -3.25 -4.87 1.18
N ARG B 221 -2.86 -3.66 0.76
CA ARG B 221 -3.17 -2.38 1.45
C ARG B 221 -4.69 -2.14 1.55
N TYR B 222 -5.45 -2.26 0.46
CA TYR B 222 -6.89 -1.92 0.44
C TYR B 222 -7.69 -2.86 1.38
N TYR B 223 -7.15 -4.04 1.70
CA TYR B 223 -7.88 -5.14 2.38
C TYR B 223 -7.41 -5.31 3.82
N ARG B 224 -6.56 -4.40 4.29
CA ARG B 224 -5.95 -4.45 5.65
C ARG B 224 -7.00 -4.07 6.68
N ALA B 225 -7.15 -4.87 7.73
CA ALA B 225 -8.02 -4.57 8.90
C ALA B 225 -7.43 -3.38 9.66
N PRO B 226 -8.26 -2.55 10.33
CA PRO B 226 -7.76 -1.36 10.99
C PRO B 226 -6.73 -1.68 12.10
N GLU B 227 -6.88 -2.81 12.80
CA GLU B 227 -5.90 -3.23 13.85
C GLU B 227 -4.51 -3.40 13.20
N LEU B 228 -4.45 -3.84 11.94
CA LEU B 228 -3.16 -3.96 11.19
C LEU B 228 -2.62 -2.56 10.88
N ILE B 229 -3.48 -1.65 10.42
CA ILE B 229 -3.08 -0.26 10.06
C ILE B 229 -2.50 0.40 11.31
N PHE B 230 -3.11 0.17 12.48
CA PHE B 230 -2.67 0.70 13.79
C PHE B 230 -1.46 -0.08 14.32
N GLY B 231 -1.01 -1.12 13.61
CA GLY B 231 0.25 -1.83 13.91
C GLY B 231 0.13 -2.78 15.08
N ALA B 232 -1.03 -3.43 15.27
CA ALA B 232 -1.26 -4.45 16.32
C ALA B 232 -0.46 -5.71 15.98
N THR B 233 0.02 -6.43 17.00
CA THR B 233 0.72 -7.73 16.84
C THR B 233 -0.04 -8.86 17.55
N ASP B 234 -1.20 -8.55 18.14
CA ASP B 234 -2.04 -9.51 18.92
C ASP B 234 -3.36 -9.74 18.18
N TYR B 235 -3.33 -9.60 16.85
CA TYR B 235 -4.54 -9.70 15.99
C TYR B 235 -4.91 -11.18 15.85
N THR B 236 -6.21 -11.42 15.64
CA THR B 236 -6.84 -12.75 15.47
C THR B 236 -7.11 -13.01 14.00
N SER B 237 -7.68 -14.18 13.71
CA SER B 237 -8.11 -14.62 12.36
C SER B 237 -9.21 -13.70 11.81
N SER B 238 -9.82 -12.86 12.63
CA SER B 238 -10.90 -11.92 12.22
C SER B 238 -10.36 -10.86 11.22
N ILE B 239 -9.05 -10.76 11.01
CA ILE B 239 -8.48 -9.82 9.98
C ILE B 239 -8.92 -10.33 8.60
N ASP B 240 -8.98 -11.66 8.42
CA ASP B 240 -9.41 -12.33 7.16
C ASP B 240 -10.87 -11.97 6.88
N VAL B 241 -11.67 -11.80 7.93
CA VAL B 241 -13.13 -11.49 7.82
C VAL B 241 -13.28 -10.04 7.37
N TRP B 242 -12.52 -9.11 7.94
CA TRP B 242 -12.43 -7.70 7.45
C TRP B 242 -12.13 -7.71 5.95
N SER B 243 -11.04 -8.38 5.56
CA SER B 243 -10.56 -8.49 4.16
C SER B 243 -11.68 -9.00 3.24
N ALA B 244 -12.40 -10.04 3.66
CA ALA B 244 -13.51 -10.63 2.88
C ALA B 244 -14.64 -9.59 2.79
N GLY B 245 -14.88 -8.85 3.87
CA GLY B 245 -15.81 -7.70 3.89
C GLY B 245 -15.43 -6.69 2.81
N CYS B 246 -14.15 -6.41 2.65
CA CYS B 246 -13.63 -5.45 1.64
C CYS B 246 -13.88 -6.01 0.23
N VAL B 247 -13.74 -7.33 0.04
CA VAL B 247 -13.95 -8.00 -1.27
C VAL B 247 -15.43 -7.87 -1.65
N LEU B 248 -16.33 -8.22 -0.73
CA LEU B 248 -17.79 -8.13 -0.93
C LEU B 248 -18.16 -6.70 -1.34
N ALA B 249 -17.81 -5.71 -0.52
CA ALA B 249 -18.12 -4.28 -0.75
C ALA B 249 -17.63 -3.89 -2.16
N GLU B 250 -16.40 -4.28 -2.51
CA GLU B 250 -15.76 -3.95 -3.82
C GLU B 250 -16.55 -4.57 -4.98
N LEU B 251 -17.03 -5.81 -4.82
CA LEU B 251 -17.83 -6.51 -5.86
C LEU B 251 -19.19 -5.81 -6.02
N LEU B 252 -19.72 -5.20 -4.96
CA LEU B 252 -20.99 -4.44 -4.98
C LEU B 252 -20.76 -3.03 -5.55
N LEU B 253 -19.65 -2.37 -5.19
CA LEU B 253 -19.36 -0.96 -5.55
C LEU B 253 -18.77 -0.84 -6.96
N GLY B 254 -18.00 -1.84 -7.42
CA GLY B 254 -17.20 -1.77 -8.67
C GLY B 254 -15.84 -1.13 -8.44
N GLN B 255 -15.49 -0.80 -7.20
CA GLN B 255 -14.18 -0.20 -6.84
C GLN B 255 -13.88 -0.53 -5.39
N PRO B 256 -12.60 -0.53 -4.97
CA PRO B 256 -12.25 -0.70 -3.56
C PRO B 256 -13.01 0.26 -2.64
N ILE B 257 -13.52 -0.22 -1.52
CA ILE B 257 -14.30 0.63 -0.56
C ILE B 257 -13.34 1.52 0.25
N PHE B 258 -12.15 1.03 0.62
CA PHE B 258 -11.20 1.77 1.51
C PHE B 258 -9.83 1.95 0.83
N PRO B 259 -9.75 2.67 -0.30
CA PRO B 259 -8.47 2.91 -0.97
C PRO B 259 -7.64 3.97 -0.21
N GLY B 260 -6.37 4.09 -0.57
CA GLY B 260 -5.44 5.06 0.06
C GLY B 260 -4.00 4.66 -0.16
N ASP B 261 -3.15 5.65 -0.44
CA ASP B 261 -1.69 5.49 -0.66
C ASP B 261 -0.99 5.32 0.70
N SER B 262 -1.57 5.87 1.77
CA SER B 262 -1.05 5.81 3.16
C SER B 262 -2.11 5.17 4.06
N GLY B 263 -1.70 4.64 5.21
CA GLY B 263 -2.61 4.16 6.26
C GLY B 263 -3.57 5.26 6.67
N VAL B 264 -3.05 6.48 6.82
CA VAL B 264 -3.84 7.70 7.16
C VAL B 264 -5.00 7.81 6.17
N ASP B 265 -4.71 7.77 4.88
CA ASP B 265 -5.72 7.92 3.81
C ASP B 265 -6.75 6.79 3.94
N GLN B 266 -6.30 5.57 4.20
CA GLN B 266 -7.19 4.38 4.35
C GLN B 266 -8.12 4.58 5.54
N LEU B 267 -7.59 5.00 6.69
CA LEU B 267 -8.38 5.22 7.93
C LEU B 267 -9.42 6.33 7.70
N VAL B 268 -9.07 7.37 6.94
CA VAL B 268 -10.04 8.45 6.58
C VAL B 268 -11.23 7.79 5.86
N GLU B 269 -10.96 6.96 4.85
CA GLU B 269 -12.01 6.30 4.03
C GLU B 269 -12.85 5.39 4.93
N ILE B 270 -12.21 4.64 5.83
CA ILE B 270 -12.88 3.74 6.81
C ILE B 270 -13.78 4.58 7.71
N ILE B 271 -13.26 5.71 8.22
CA ILE B 271 -13.98 6.62 9.17
C ILE B 271 -15.17 7.27 8.45
N LYS B 272 -15.00 7.67 7.18
CA LYS B 272 -16.10 8.26 6.37
C LYS B 272 -17.31 7.32 6.35
N VAL B 273 -17.09 6.00 6.38
CA VAL B 273 -18.16 4.96 6.32
C VAL B 273 -18.56 4.56 7.75
N LEU B 274 -17.64 3.97 8.50
CA LEU B 274 -17.93 3.40 9.85
C LEU B 274 -18.20 4.51 10.88
N GLY B 275 -17.73 5.73 10.61
CA GLY B 275 -17.70 6.82 11.61
C GLY B 275 -16.47 6.70 12.49
N THR B 276 -16.23 7.71 13.33
CA THR B 276 -15.04 7.79 14.21
C THR B 276 -15.11 6.66 15.23
N PRO B 277 -14.02 5.87 15.41
CA PRO B 277 -14.02 4.81 16.41
C PRO B 277 -14.04 5.39 17.83
N THR B 278 -14.83 4.79 18.72
CA THR B 278 -14.89 5.15 20.16
C THR B 278 -13.54 4.81 20.81
N ARG B 279 -13.25 5.40 21.97
CA ARG B 279 -12.04 5.12 22.78
C ARG B 279 -11.89 3.62 22.99
N GLU B 280 -13.02 2.93 23.26
CA GLU B 280 -13.07 1.47 23.55
C GLU B 280 -12.83 0.69 22.26
N GLN B 281 -13.37 1.15 21.13
CA GLN B 281 -13.14 0.52 19.79
C GLN B 281 -11.64 0.55 19.46
N ILE B 282 -10.97 1.67 19.74
CA ILE B 282 -9.50 1.82 19.51
C ILE B 282 -8.76 0.85 20.42
N ARG B 283 -9.16 0.73 21.69
CA ARG B 283 -8.58 -0.20 22.69
C ARG B 283 -8.67 -1.64 22.17
N GLU B 284 -9.84 -2.03 21.63
CA GLU B 284 -10.09 -3.40 21.09
C GLU B 284 -9.16 -3.66 19.90
N MET B 285 -8.94 -2.65 19.05
CA MET B 285 -8.04 -2.74 17.87
C MET B 285 -6.57 -2.76 18.34
N ASN B 286 -5.98 -1.61 18.69
CA ASN B 286 -4.61 -1.53 19.27
C ASN B 286 -4.63 -0.68 20.53
N PRO B 287 -4.37 -1.28 21.71
CA PRO B 287 -4.34 -0.54 22.99
C PRO B 287 -3.31 0.60 23.02
N ASN B 288 -2.14 0.39 22.40
CA ASN B 288 -0.99 1.34 22.38
C ASN B 288 -1.44 2.68 21.79
N TYR B 289 -2.24 2.63 20.72
CA TYR B 289 -2.74 3.83 19.97
C TYR B 289 -4.00 4.36 20.65
N PHE B 292 -5.91 8.94 18.09
CA PHE B 292 -5.05 10.10 18.43
C PHE B 292 -5.74 11.39 17.98
N LYS B 293 -5.56 11.78 16.71
CA LYS B 293 -6.08 13.06 16.14
C LYS B 293 -6.72 12.79 14.78
N PHE B 294 -8.00 12.40 14.79
CA PHE B 294 -8.83 12.17 13.57
C PHE B 294 -10.15 12.91 13.68
N PRO B 295 -10.62 13.55 12.59
CA PRO B 295 -11.91 14.25 12.60
C PRO B 295 -13.05 13.45 13.25
N GLN B 296 -13.82 14.14 14.11
CA GLN B 296 -15.09 13.62 14.70
C GLN B 296 -16.15 13.59 13.59
N ILE B 297 -16.18 12.48 12.83
CA ILE B 297 -17.13 12.25 11.70
C ILE B 297 -18.16 11.22 12.15
N LYS B 298 -19.44 11.46 11.86
CA LYS B 298 -20.56 10.51 12.14
C LYS B 298 -20.61 9.48 11.01
N ALA B 299 -21.14 8.28 11.30
CA ALA B 299 -21.24 7.14 10.36
C ALA B 299 -22.16 7.51 9.20
N HIS B 300 -21.70 7.28 7.97
CA HIS B 300 -22.54 7.31 6.74
C HIS B 300 -23.54 6.15 6.84
N PRO B 301 -24.84 6.38 6.58
CA PRO B 301 -25.79 5.26 6.49
C PRO B 301 -25.24 4.32 5.40
N TRP B 302 -25.06 3.05 5.74
CA TRP B 302 -24.49 2.01 4.85
C TRP B 302 -25.28 1.96 3.53
N THR B 303 -26.59 2.23 3.55
CA THR B 303 -27.49 2.22 2.37
C THR B 303 -27.00 3.25 1.33
N LYS B 304 -26.53 4.42 1.77
CA LYS B 304 -26.06 5.52 0.88
C LYS B 304 -24.64 5.24 0.36
N VAL B 305 -23.98 4.19 0.83
CA VAL B 305 -22.61 3.79 0.36
C VAL B 305 -22.73 3.09 -1.01
N PHE B 306 -23.76 2.25 -1.19
CA PHE B 306 -23.91 1.39 -2.39
C PHE B 306 -24.95 1.99 -3.36
N ARG B 307 -24.87 1.61 -4.64
CA ARG B 307 -25.81 2.05 -5.70
C ARG B 307 -27.22 1.71 -5.27
N PRO B 308 -28.25 2.43 -5.77
CA PRO B 308 -29.64 2.11 -5.42
C PRO B 308 -29.98 0.69 -5.87
N ARG B 309 -30.79 -0.03 -5.09
CA ARG B 309 -31.31 -1.40 -5.40
C ARG B 309 -30.27 -2.47 -5.05
N THR B 310 -29.09 -2.10 -4.51
CA THR B 310 -28.18 -3.06 -3.83
C THR B 310 -29.02 -3.81 -2.80
N PRO B 311 -29.08 -5.17 -2.83
CA PRO B 311 -29.90 -5.91 -1.88
C PRO B 311 -29.59 -5.50 -0.45
N PRO B 312 -30.61 -5.16 0.36
CA PRO B 312 -30.39 -4.80 1.77
C PRO B 312 -29.60 -5.85 2.55
N GLU B 313 -29.77 -7.13 2.22
CA GLU B 313 -29.08 -8.29 2.87
C GLU B 313 -27.57 -8.18 2.64
N ALA B 314 -27.16 -7.73 1.44
CA ALA B 314 -25.74 -7.50 1.06
C ALA B 314 -25.15 -6.43 1.99
N ILE B 315 -25.91 -5.35 2.22
CA ILE B 315 -25.46 -4.16 2.99
C ILE B 315 -25.35 -4.56 4.47
N ALA B 316 -26.32 -5.30 4.99
CA ALA B 316 -26.35 -5.81 6.38
C ALA B 316 -25.11 -6.68 6.62
N LEU B 317 -24.84 -7.62 5.72
CA LEU B 317 -23.66 -8.51 5.81
C LEU B 317 -22.42 -7.64 5.93
N CYS B 318 -22.21 -6.70 5.00
CA CYS B 318 -21.02 -5.81 4.98
C CYS B 318 -20.81 -5.18 6.35
N SER B 319 -21.87 -4.59 6.92
CA SER B 319 -21.85 -3.85 8.21
C SER B 319 -21.40 -4.77 9.35
N ARG B 320 -21.66 -6.07 9.23
CA ARG B 320 -21.36 -7.08 10.29
C ARG B 320 -19.97 -7.69 10.09
N LEU B 321 -19.35 -7.46 8.92
CA LEU B 321 -17.95 -7.88 8.61
C LEU B 321 -17.00 -6.73 8.93
N LEU B 322 -17.34 -5.54 8.45
CA LEU B 322 -16.50 -4.32 8.52
C LEU B 322 -16.82 -3.57 9.81
N GLU B 323 -16.47 -4.19 10.94
CA GLU B 323 -16.62 -3.66 12.32
C GLU B 323 -15.24 -3.32 12.86
N TYR B 324 -15.11 -2.19 13.56
CA TYR B 324 -13.85 -1.78 14.24
C TYR B 324 -13.44 -2.89 15.23
N THR B 325 -14.36 -3.28 16.11
CA THR B 325 -14.12 -4.28 17.18
C THR B 325 -13.90 -5.65 16.53
N PRO B 326 -12.65 -6.18 16.49
CA PRO B 326 -12.38 -7.48 15.88
C PRO B 326 -13.34 -8.60 16.29
N THR B 327 -13.71 -8.65 17.58
CA THR B 327 -14.58 -9.71 18.17
C THR B 327 -16.04 -9.52 17.74
N ALA B 328 -16.43 -8.31 17.31
CA ALA B 328 -17.82 -7.96 16.90
C ALA B 328 -18.12 -8.51 15.50
N ARG B 329 -17.09 -8.77 14.69
CA ARG B 329 -17.26 -9.24 13.30
C ARG B 329 -17.82 -10.66 13.33
N LEU B 330 -18.68 -11.01 12.36
CA LEU B 330 -19.15 -12.39 12.13
C LEU B 330 -17.94 -13.32 11.99
N THR B 331 -18.08 -14.57 12.40
CA THR B 331 -17.14 -15.65 12.03
C THR B 331 -17.45 -16.03 10.59
N PRO B 332 -16.50 -16.64 9.85
CA PRO B 332 -16.78 -17.14 8.51
C PRO B 332 -18.07 -17.95 8.44
N LEU B 333 -18.29 -18.85 9.41
CA LEU B 333 -19.41 -19.83 9.41
C LEU B 333 -20.74 -19.08 9.60
N GLU B 334 -20.75 -18.07 10.47
CA GLU B 334 -21.93 -17.18 10.67
C GLU B 334 -22.21 -16.39 9.38
N ALA B 335 -21.15 -16.01 8.65
CA ALA B 335 -21.27 -15.28 7.37
C ALA B 335 -22.03 -16.18 6.39
N CYS B 336 -21.59 -17.43 6.26
CA CYS B 336 -22.21 -18.46 5.39
C CYS B 336 -23.72 -18.55 5.67
N ALA B 337 -24.11 -18.47 6.95
CA ALA B 337 -25.50 -18.66 7.43
C ALA B 337 -26.29 -17.34 7.35
N HIS B 338 -25.66 -16.25 6.89
CA HIS B 338 -26.32 -14.93 6.75
C HIS B 338 -27.43 -15.03 5.69
N SER B 339 -28.47 -14.20 5.80
CA SER B 339 -29.67 -14.21 4.93
C SER B 339 -29.32 -13.80 3.49
N PHE B 340 -28.19 -13.12 3.27
CA PHE B 340 -27.70 -12.74 1.92
C PHE B 340 -27.50 -14.00 1.05
N PHE B 341 -27.17 -15.12 1.68
CA PHE B 341 -26.90 -16.40 0.98
C PHE B 341 -28.15 -17.29 0.93
N ASP B 342 -29.32 -16.79 1.35
CA ASP B 342 -30.57 -17.61 1.39
C ASP B 342 -30.85 -18.19 -0.01
N GLU B 343 -30.67 -17.39 -1.07
CA GLU B 343 -30.91 -17.81 -2.47
C GLU B 343 -30.07 -19.06 -2.82
N LEU B 344 -28.86 -19.19 -2.26
CA LEU B 344 -27.98 -20.36 -2.54
C LEU B 344 -28.61 -21.63 -1.95
N ARG B 345 -29.39 -21.49 -0.87
CA ARG B 345 -30.03 -22.61 -0.14
C ARG B 345 -31.39 -22.96 -0.76
N ASP B 346 -31.89 -22.14 -1.70
CA ASP B 346 -33.11 -22.43 -2.49
C ASP B 346 -32.86 -23.68 -3.32
N PRO B 347 -33.75 -24.70 -3.29
CA PRO B 347 -33.54 -25.94 -4.02
C PRO B 347 -33.55 -25.79 -5.55
N ASN B 348 -34.18 -24.73 -6.06
CA ASN B 348 -34.34 -24.49 -7.53
C ASN B 348 -33.25 -23.55 -8.07
N VAL B 349 -32.29 -23.14 -7.23
CA VAL B 349 -31.20 -22.20 -7.64
C VAL B 349 -30.35 -22.89 -8.73
N LYS B 350 -30.10 -22.17 -9.82
CA LYS B 350 -29.21 -22.59 -10.92
C LYS B 350 -28.24 -21.44 -11.24
N LEU B 351 -27.11 -21.76 -11.89
CA LEU B 351 -26.24 -20.76 -12.54
C LEU B 351 -27.04 -20.17 -13.71
N PRO B 352 -26.83 -18.90 -14.08
CA PRO B 352 -27.46 -18.33 -15.28
C PRO B 352 -27.30 -19.19 -16.55
N ASN B 353 -26.13 -19.83 -16.71
CA ASN B 353 -25.79 -20.69 -17.89
C ASN B 353 -26.53 -22.05 -17.80
N GLY B 354 -27.45 -22.22 -16.85
CA GLY B 354 -28.35 -23.39 -16.77
C GLY B 354 -27.86 -24.48 -15.83
N ARG B 355 -26.53 -24.62 -15.66
CA ARG B 355 -25.90 -25.69 -14.83
C ARG B 355 -26.32 -25.56 -13.37
N ASP B 356 -26.12 -26.62 -12.59
CA ASP B 356 -26.27 -26.62 -11.11
C ASP B 356 -25.17 -25.75 -10.50
N THR B 357 -25.44 -25.18 -9.33
CA THR B 357 -24.44 -24.51 -8.47
C THR B 357 -23.39 -25.57 -8.11
N PRO B 358 -22.15 -25.16 -7.76
CA PRO B 358 -21.18 -26.11 -7.20
C PRO B 358 -21.66 -26.61 -5.83
N ALA B 359 -20.91 -27.55 -5.23
CA ALA B 359 -21.13 -28.06 -3.86
C ALA B 359 -21.10 -26.89 -2.87
N LEU B 360 -22.17 -26.72 -2.09
CA LEU B 360 -22.31 -25.61 -1.11
C LEU B 360 -22.61 -26.14 0.29
N PHE B 361 -23.00 -27.41 0.43
CA PHE B 361 -23.59 -27.98 1.67
C PHE B 361 -22.85 -29.24 2.12
N ASN B 362 -21.74 -29.62 1.48
CA ASN B 362 -20.93 -30.82 1.86
C ASN B 362 -20.00 -30.45 3.04
N PHE B 363 -20.57 -29.93 4.12
CA PHE B 363 -19.82 -29.49 5.33
C PHE B 363 -19.27 -30.71 6.09
N THR B 364 -18.03 -30.62 6.58
CA THR B 364 -17.44 -31.62 7.51
C THR B 364 -17.63 -31.15 8.95
N THR B 365 -17.42 -32.06 9.91
CA THR B 365 -17.39 -31.80 11.37
C THR B 365 -16.32 -30.74 11.68
N GLN B 366 -15.14 -30.87 11.07
CA GLN B 366 -14.01 -29.93 11.14
C GLN B 366 -14.51 -28.53 10.76
N GLU B 367 -15.11 -28.41 9.57
CA GLU B 367 -15.64 -27.14 8.99
C GLU B 367 -16.66 -26.51 9.94
N LEU B 368 -17.48 -27.31 10.62
CA LEU B 368 -18.60 -26.83 11.49
C LEU B 368 -18.14 -26.61 12.93
N SER B 369 -16.93 -27.06 13.31
CA SER B 369 -16.48 -27.20 14.73
C SER B 369 -16.66 -25.90 15.52
N SER B 370 -16.56 -24.73 14.88
CA SER B 370 -16.66 -23.40 15.55
C SER B 370 -18.05 -23.18 16.14
N ASN B 371 -19.09 -23.80 15.55
CA ASN B 371 -20.50 -23.62 15.99
C ASN B 371 -21.37 -24.67 15.30
N PRO B 372 -21.28 -25.96 15.70
CA PRO B 372 -22.03 -27.04 15.04
C PRO B 372 -23.54 -26.82 14.85
N PRO B 373 -24.26 -26.20 15.82
CA PRO B 373 -25.69 -25.90 15.63
C PRO B 373 -26.06 -25.12 14.34
N LEU B 374 -25.13 -24.36 13.76
CA LEU B 374 -25.38 -23.54 12.54
C LEU B 374 -25.73 -24.45 11.36
N ALA B 375 -25.37 -25.74 11.44
CA ALA B 375 -25.74 -26.79 10.45
C ALA B 375 -27.25 -26.75 10.17
N THR B 376 -28.07 -26.40 11.15
CA THR B 376 -29.56 -26.36 11.03
C THR B 376 -29.96 -25.30 9.99
N ILE B 377 -29.15 -24.25 9.82
CA ILE B 377 -29.33 -23.20 8.78
C ILE B 377 -28.50 -23.55 7.54
N LEU B 378 -27.25 -23.97 7.72
CA LEU B 378 -26.26 -24.11 6.62
C LEU B 378 -26.68 -25.22 5.65
N ILE B 379 -27.11 -26.36 6.18
CA ILE B 379 -27.56 -27.53 5.37
C ILE B 379 -29.07 -27.43 5.19
N PRO B 380 -29.59 -27.04 4.00
CA PRO B 380 -31.02 -26.82 3.83
C PRO B 380 -31.75 -28.17 3.74
N PRO B 381 -33.06 -28.20 4.03
CA PRO B 381 -33.84 -29.44 4.00
C PRO B 381 -33.57 -30.33 2.78
N HIS B 382 -33.57 -29.77 1.57
CA HIS B 382 -33.46 -30.52 0.29
C HIS B 382 -32.12 -31.27 0.21
N ALA B 383 -31.09 -30.79 0.91
CA ALA B 383 -29.72 -31.37 0.91
C ALA B 383 -29.65 -32.58 1.84
N ARG B 384 -30.60 -32.71 2.77
CA ARG B 384 -30.69 -33.81 3.76
C ARG B 384 -31.56 -34.97 3.25
N ILE B 385 -32.25 -34.78 2.11
CA ILE B 385 -33.12 -35.81 1.49
C ILE B 385 -32.30 -37.06 1.23
N GLN B 386 -32.85 -38.23 1.57
CA GLN B 386 -32.19 -39.56 1.57
C GLN B 386 -31.93 -40.02 0.13
N ALA B 387 -30.71 -40.48 -0.14
CA ALA B 387 -30.24 -41.02 -1.44
C ALA B 387 -30.27 -42.56 -1.41
PG ANP C . -2.54 14.35 0.67
O1G ANP C . -1.27 14.09 -0.11
O2G ANP C . -2.17 14.71 2.09
O3G ANP C . -3.32 13.06 0.73
PB ANP C . -4.23 16.76 0.72
O1B ANP C . -3.68 16.93 2.11
O2B ANP C . -5.71 16.79 0.52
N3B ANP C . -3.44 15.53 -0.03
PA ANP C . -2.39 18.42 -0.85
O1A ANP C . -1.82 19.65 -0.20
O2A ANP C . -1.54 17.19 -0.94
O3A ANP C . -3.75 18.04 -0.10
O5' ANP C . -2.94 18.81 -2.31
C5' ANP C . -3.28 17.76 -3.26
C4' ANP C . -2.71 18.12 -4.62
O4' ANP C . -3.20 19.42 -5.02
C3' ANP C . -1.18 18.24 -4.69
O3' ANP C . -0.52 17.00 -4.84
C2' ANP C . -1.04 19.12 -5.93
O2' ANP C . -1.12 18.38 -7.13
C1' ANP C . -2.19 20.10 -5.74
N9 ANP C . -1.74 21.27 -4.99
C8 ANP C . -1.56 21.40 -3.62
N7 ANP C . -1.08 22.57 -3.29
C5 ANP C . -0.90 23.23 -4.50
C6 ANP C . -0.41 24.52 -4.82
N6 ANP C . 0.03 25.38 -3.92
N1 ANP C . -0.36 24.85 -6.14
C2 ANP C . -0.79 23.96 -7.04
N3 ANP C . -1.28 22.74 -6.86
C4 ANP C . -1.30 22.44 -5.55
MG MG D . -0.29 15.54 -1.21
C1 EDO E . 0.70 38.73 1.86
O1 EDO E . 0.44 37.67 2.76
C2 EDO E . 1.38 38.30 0.61
O2 EDO E . 0.50 37.72 -0.34
C1 EDO F . -14.56 27.87 -1.02
O1 EDO F . -13.48 28.36 -0.23
C2 EDO F . -14.32 27.91 -2.48
O2 EDO F . -13.55 29.03 -2.90
C1 EDO G . 3.31 23.19 16.22
O1 EDO G . 3.11 21.85 15.80
C2 EDO G . 4.35 23.91 15.46
O2 EDO G . 5.67 23.49 15.76
C1 EDO H . -2.66 12.74 10.58
O1 EDO H . -1.35 13.28 10.61
C2 EDO H . -3.12 12.26 11.90
O2 EDO H . -2.15 11.48 12.59
C1 EDO I . 24.51 11.53 10.21
O1 EDO I . 25.18 12.63 10.81
C2 EDO I . 25.44 10.47 9.72
O2 EDO I . 25.74 10.56 8.35
C1 EDO J . 10.65 20.78 -17.73
O1 EDO J . 11.77 21.63 -17.54
C2 EDO J . 10.96 19.35 -17.48
O2 EDO J . 11.58 19.14 -16.22
C1 EDO K . -2.10 29.49 14.82
O1 EDO K . -2.18 28.21 14.20
C2 EDO K . -3.22 30.41 14.46
O2 EDO K . -4.47 30.03 14.98
C1 EDO L . 11.56 33.09 -0.03
O1 EDO L . 12.67 33.23 0.85
C2 EDO L . 10.26 33.03 0.68
O2 EDO L . 9.25 32.33 -0.04
C1 EDO M . 28.50 21.91 -17.43
O1 EDO M . 27.39 22.41 -16.71
C2 EDO M . 29.23 22.95 -18.22
O2 EDO M . 29.36 24.18 -17.52
C1 EDO N . 21.47 31.97 -9.71
O1 EDO N . 20.25 32.69 -9.87
C2 EDO N . 21.85 31.74 -8.29
O2 EDO N . 21.76 30.38 -7.90
C1 EDO O . 2.44 5.85 -4.20
O1 EDO O . 2.90 5.03 -3.13
C2 EDO O . 1.38 5.23 -5.05
O2 EDO O . 0.90 3.99 -4.56
PG ANP P . 1.51 -12.79 -3.99
O1G ANP P . 1.81 -13.50 -2.69
O2G ANP P . 2.27 -11.47 -4.05
O3G ANP P . 0.05 -12.38 -3.94
PB ANP P . 2.92 -15.06 -5.28
O1B ANP P . 3.21 -15.49 -3.87
O2B ANP P . 4.03 -15.08 -6.30
N3B ANP P . 1.92 -13.74 -5.27
PA ANP P . 0.46 -16.56 -5.72
O1A ANP P . 0.40 -17.96 -5.20
O2A ANP P . -0.18 -15.45 -4.97
O3A ANP P . 2.01 -16.20 -5.92
O5' ANP P . -0.06 -16.55 -7.24
C5' ANP P . 0.09 -15.35 -8.05
C4' ANP P . -0.95 -15.36 -9.15
O4' ANP P . -0.73 -16.52 -9.99
C3' ANP P . -2.40 -15.50 -8.68
O3' ANP P . -2.99 -14.25 -8.34
C2' ANP P . -3.05 -16.11 -9.92
O2' ANP P . -3.39 -15.13 -10.89
C1' ANP P . -1.96 -17.07 -10.40
N9 ANP P . -2.12 -18.42 -9.81
C8 ANP P . -1.71 -18.90 -8.57
N7 ANP P . -2.08 -20.15 -8.37
C5 ANP P . -2.78 -20.51 -9.51
C6 ANP P . -3.42 -21.70 -9.91
N6 ANP P . -3.49 -22.79 -9.16
N1 ANP P . -4.02 -21.71 -11.13
C2 ANP P . -3.96 -20.60 -11.88
N3 ANP P . -3.39 -19.43 -11.61
C4 ANP P . -2.81 -19.45 -10.40
MG MG Q . -1.32 -13.71 -4.75
C1 EDO R . -5.13 -16.59 -13.30
O1 EDO R . -4.87 -15.30 -13.82
C2 EDO R . -4.34 -17.66 -13.95
O2 EDO R . -4.35 -17.58 -15.37
C1 EDO S . -18.82 -16.18 -14.26
O1 EDO S . -19.51 -16.63 -15.41
C2 EDO S . -18.00 -14.98 -14.52
O2 EDO S . -18.65 -14.04 -15.33
C1 EDO T . -12.30 -2.66 -9.28
O1 EDO T . -12.76 -3.64 -8.36
C2 EDO T . -11.10 -3.09 -10.05
O2 EDO T . -10.85 -2.30 -11.20
C1 EDO U . 1.88 0.17 10.15
O1 EDO U . 0.71 0.41 9.40
C2 EDO U . 2.34 -1.26 10.10
O2 EDO U . 3.02 -1.59 8.91
C1 EDO V . -6.91 -29.08 -13.85
O1 EDO V . -6.37 -28.89 -12.55
C2 EDO V . -8.39 -29.21 -13.85
O2 EDO V . -8.85 -30.21 -12.97
C1 EDO W . 9.61 -24.74 -14.58
O1 EDO W . 9.18 -26.05 -14.88
C2 EDO W . 10.60 -24.69 -13.47
O2 EDO W . 10.39 -25.69 -12.49
C1 EDO X . -7.24 -8.15 22.06
O1 EDO X . -7.12 -6.81 21.63
C2 EDO X . -6.52 -9.12 21.19
O2 EDO X . -7.36 -10.13 20.65
C1 PEG Y . 6.90 -12.33 7.71
O1 PEG Y . 8.22 -11.80 7.65
C2 PEG Y . 6.86 -13.74 8.25
O2 PEG Y . 5.69 -13.95 9.03
C3 PEG Y . 5.80 -13.43 10.37
C4 PEG Y . 4.78 -14.04 11.27
O4 PEG Y . 4.00 -13.07 11.96
C1 PEG Z . -34.97 -18.05 -6.95
O1 PEG Z . -35.04 -19.43 -6.65
C2 PEG Z . -33.67 -17.68 -7.58
O2 PEG Z . -33.58 -18.24 -8.88
C3 PEG Z . -32.26 -18.25 -9.42
C4 PEG Z . -32.28 -18.92 -10.75
O4 PEG Z . -31.82 -20.25 -10.69
C1 PEG AA . -19.58 -12.60 16.28
O1 PEG AA . -18.85 -13.74 16.66
C2 PEG AA . -20.85 -12.45 17.06
O2 PEG AA . -21.99 -12.68 16.23
C3 PEG AA . -23.17 -13.02 16.95
C4 PEG AA . -24.38 -12.61 16.18
O4 PEG AA . -24.57 -13.38 15.01
#